data_1J79
#
_entry.id   1J79
#
_cell.length_a   51.600
_cell.length_b   78.800
_cell.length_c   180.300
_cell.angle_alpha   90.00
_cell.angle_beta   90.00
_cell.angle_gamma   90.00
#
_symmetry.space_group_name_H-M   'P 21 21 21'
#
loop_
_entity.id
_entity.type
_entity.pdbx_description
1 polymer dihydroorotase
2 non-polymer 'ZINC ION'
3 non-polymer 'OROTIC ACID'
4 non-polymer N-CARBAMOYL-L-ASPARTATE
5 water water
#
_entity_poly.entity_id   1
_entity_poly.type   'polypeptide(L)'
_entity_poly.pdbx_seq_one_letter_code
;TAPSQVLKIRRPDDWHLHLRDGDMLKTVVPYTSEIYGRAIVMPNLAPPVTTVEAAVAYRQRILDAVPAPHDFTPLMTCYL
TDSLDPNELERGFNEGVFTAA(KCX)LYPANATTNSSHGVTSVDAIMPVLERMEKIGMPLLVHGEVTHADIDIFDREARF
IESVMEPLRQRLTALKVVFEHITTKDAADYVRDGNERLAATITPQHLMFNRNHMLVGGVRPHLYCLPILKRNIHQQALRE
LVASGFQRVFLGTDSAPHARHRKESSCGCAGCFNAPTALGSYATVFEEMNALQHFEAFCSVNGPQFYGLPVNDTFIELVR
EEQQVAESIALTDDTLVPFLAGETVRWSVKQ
;
_entity_poly.pdbx_strand_id   A,B
#
loop_
_chem_comp.id
_chem_comp.type
_chem_comp.name
_chem_comp.formula
NCD non-polymer N-CARBAMOYL-L-ASPARTATE 'C5 H8 N2 O5'
ORO non-polymer 'OROTIC ACID' 'C5 H4 N2 O4'
ZN non-polymer 'ZINC ION' 'Zn 2'
#
# COMPACT_ATOMS: atom_id res chain seq x y z
N SER A 4 23.28 -2.03 30.96
CA SER A 4 22.52 -3.19 30.53
C SER A 4 21.32 -3.46 31.44
N GLN A 5 20.34 -2.58 31.32
CA GLN A 5 19.10 -2.62 32.05
C GLN A 5 18.35 -3.92 31.84
N VAL A 6 17.80 -4.41 32.91
CA VAL A 6 17.03 -5.62 32.87
C VAL A 6 15.60 -5.29 33.16
N LEU A 7 14.75 -6.01 32.46
CA LEU A 7 13.32 -5.91 32.56
C LEU A 7 12.76 -7.30 32.85
N LYS A 8 12.40 -7.52 34.07
CA LYS A 8 11.86 -8.79 34.48
C LYS A 8 10.35 -8.66 34.62
N ILE A 9 9.64 -9.55 33.95
CA ILE A 9 8.17 -9.54 33.97
C ILE A 9 7.62 -10.94 34.19
N ARG A 10 6.39 -11.00 34.63
CA ARG A 10 5.79 -12.29 34.75
C ARG A 10 5.73 -12.82 33.29
N ARG A 11 5.79 -14.15 33.06
CA ARG A 11 5.73 -14.77 31.74
C ARG A 11 4.50 -14.20 31.04
N PRO A 12 4.70 -13.64 29.84
CA PRO A 12 3.61 -13.06 29.07
C PRO A 12 2.73 -14.10 28.39
N ASP A 13 1.69 -13.61 27.70
CA ASP A 13 0.76 -14.45 26.93
C ASP A 13 0.48 -13.70 25.65
N ASP A 14 0.10 -14.41 24.60
CA ASP A 14 -0.20 -13.75 23.32
C ASP A 14 -1.69 -13.94 23.08
N TRP A 15 -2.48 -12.88 23.25
CA TRP A 15 -3.92 -12.97 23.05
C TRP A 15 -4.43 -12.94 21.63
N HIS A 16 -3.53 -13.07 20.66
CA HIS A 16 -4.02 -13.09 19.28
C HIS A 16 -2.94 -13.67 18.39
N LEU A 17 -3.05 -14.96 18.03
CA LEU A 17 -1.98 -15.55 17.24
C LEU A 17 -2.44 -16.53 16.13
N HIS A 18 -1.65 -16.59 15.03
CA HIS A 18 -1.91 -17.50 13.91
C HIS A 18 -0.76 -18.47 13.87
N LEU A 19 -1.05 -19.73 14.08
CA LEU A 19 0.00 -20.72 14.06
C LEU A 19 -0.02 -21.54 12.78
N ARG A 20 -1.02 -21.32 11.89
CA ARG A 20 -1.10 -22.08 10.66
C ARG A 20 -1.21 -23.59 10.95
N ASP A 21 -0.62 -24.41 10.09
CA ASP A 21 -0.71 -25.86 10.32
C ASP A 21 0.40 -26.61 9.58
N GLY A 22 0.37 -27.94 9.68
CA GLY A 22 1.36 -28.72 8.98
C GLY A 22 2.77 -28.31 9.25
N ASP A 23 3.56 -28.22 8.19
CA ASP A 23 4.97 -27.86 8.29
C ASP A 23 5.17 -26.46 8.83
N MET A 24 4.35 -25.53 8.36
CA MET A 24 4.49 -24.16 8.82
C MET A 24 4.34 -24.05 10.31
N LEU A 25 3.34 -24.78 10.78
CA LEU A 25 3.05 -24.81 12.19
C LEU A 25 4.30 -25.29 12.98
N LYS A 26 4.97 -26.33 12.48
CA LYS A 26 6.16 -26.87 13.13
C LYS A 26 7.27 -25.87 13.26
N THR A 27 7.50 -25.06 12.24
CA THR A 27 8.54 -24.04 12.30
C THR A 27 8.18 -22.87 13.23
N VAL A 28 6.92 -22.41 13.19
CA VAL A 28 6.55 -21.24 13.98
C VAL A 28 6.22 -21.42 15.45
N VAL A 29 5.66 -22.54 15.80
CA VAL A 29 5.32 -22.72 17.20
C VAL A 29 6.42 -22.32 18.21
N PRO A 30 7.59 -22.91 18.04
CA PRO A 30 8.70 -22.67 18.95
C PRO A 30 8.99 -21.19 19.24
N TYR A 31 8.72 -20.31 18.27
CA TYR A 31 8.96 -18.90 18.49
C TYR A 31 8.01 -18.34 19.53
N THR A 32 6.83 -18.94 19.66
CA THR A 32 5.86 -18.49 20.65
C THR A 32 6.04 -19.26 21.97
N SER A 33 6.08 -20.60 21.87
CA SER A 33 6.18 -21.45 23.04
C SER A 33 7.38 -21.22 23.92
N GLU A 34 8.42 -20.68 23.35
CA GLU A 34 9.65 -20.41 24.10
C GLU A 34 9.44 -19.30 25.09
N ILE A 35 8.54 -18.38 24.71
CA ILE A 35 8.28 -17.18 25.49
C ILE A 35 6.99 -17.04 26.24
N TYR A 36 5.91 -17.32 25.53
CA TYR A 36 4.57 -17.14 26.09
C TYR A 36 4.01 -18.35 26.77
N GLY A 37 3.30 -18.11 27.88
CA GLY A 37 2.68 -19.19 28.64
C GLY A 37 1.49 -19.77 27.91
N ARG A 38 0.63 -18.87 27.42
CA ARG A 38 -0.53 -19.28 26.68
C ARG A 38 -0.70 -18.35 25.48
N ALA A 39 -1.52 -18.77 24.52
CA ALA A 39 -1.80 -17.92 23.37
C ALA A 39 -3.17 -18.21 22.85
N ILE A 40 -3.87 -17.18 22.39
CA ILE A 40 -5.17 -17.38 21.77
C ILE A 40 -4.87 -17.77 20.31
N VAL A 41 -5.22 -19.02 19.96
CA VAL A 41 -4.95 -19.53 18.61
C VAL A 41 -6.10 -19.31 17.66
N MET A 42 -5.85 -18.49 16.60
CA MET A 42 -6.89 -18.15 15.62
C MET A 42 -7.34 -19.35 14.82
N PRO A 43 -8.63 -19.36 14.41
CA PRO A 43 -9.20 -20.53 13.76
C PRO A 43 -9.24 -20.53 12.25
N ASN A 44 -8.64 -19.51 11.65
CA ASN A 44 -8.66 -19.31 10.22
C ASN A 44 -7.81 -20.26 9.38
N LEU A 45 -7.96 -21.53 9.63
CA LEU A 45 -7.27 -22.50 8.84
C LEU A 45 -8.10 -22.72 7.55
N ALA A 46 -7.61 -23.61 6.68
CA ALA A 46 -8.25 -23.98 5.40
C ALA A 46 -8.54 -25.49 5.39
N PRO A 47 -9.77 -25.95 5.73
CA PRO A 47 -10.90 -25.12 6.09
C PRO A 47 -10.85 -24.74 7.55
N PRO A 48 -11.61 -23.76 7.85
CA PRO A 48 -11.64 -23.21 9.21
C PRO A 48 -11.99 -24.19 10.34
N VAL A 49 -11.60 -23.82 11.58
CA VAL A 49 -11.89 -24.63 12.79
C VAL A 49 -13.25 -24.20 13.27
N THR A 50 -14.25 -25.04 12.94
CA THR A 50 -15.61 -24.68 13.28
C THR A 50 -16.28 -25.77 14.12
N THR A 51 -15.49 -26.78 14.47
CA THR A 51 -15.99 -27.87 15.27
C THR A 51 -15.11 -28.22 16.45
N VAL A 52 -15.75 -28.65 17.54
CA VAL A 52 -15.06 -29.08 18.76
C VAL A 52 -13.99 -30.09 18.41
N GLU A 53 -14.37 -30.99 17.52
CA GLU A 53 -13.55 -32.06 17.03
C GLU A 53 -12.33 -31.58 16.23
N ALA A 54 -12.50 -30.55 15.40
CA ALA A 54 -11.36 -30.04 14.64
C ALA A 54 -10.39 -29.30 15.59
N ALA A 55 -10.97 -28.66 16.59
CA ALA A 55 -10.27 -27.91 17.58
C ALA A 55 -9.39 -28.83 18.41
N VAL A 56 -9.96 -29.95 18.83
CA VAL A 56 -9.20 -30.90 19.60
C VAL A 56 -8.01 -31.42 18.83
N ALA A 57 -8.24 -31.81 17.59
CA ALA A 57 -7.15 -32.31 16.77
C ALA A 57 -6.12 -31.22 16.47
N TYR A 58 -6.58 -29.98 16.24
CA TYR A 58 -5.62 -28.91 15.97
C TYR A 58 -4.75 -28.63 17.20
N ARG A 59 -5.40 -28.57 18.37
CA ARG A 59 -4.68 -28.35 19.59
C ARG A 59 -3.58 -29.41 19.74
N GLN A 60 -3.91 -30.68 19.39
CA GLN A 60 -2.91 -31.73 19.49
C GLN A 60 -1.68 -31.51 18.63
N ARG A 61 -1.94 -31.12 17.37
CA ARG A 61 -0.88 -30.87 16.43
C ARG A 61 0.04 -29.78 16.98
N ILE A 62 -0.55 -28.78 17.61
CA ILE A 62 0.22 -27.68 18.17
C ILE A 62 1.14 -28.23 19.27
N LEU A 63 0.55 -28.90 20.22
CA LEU A 63 1.30 -29.53 21.30
C LEU A 63 2.45 -30.40 20.77
N ASP A 64 2.16 -31.17 19.75
CA ASP A 64 3.18 -32.00 19.20
C ASP A 64 4.36 -31.19 18.77
N ALA A 65 4.09 -29.99 18.28
CA ALA A 65 5.19 -29.17 17.77
C ALA A 65 5.90 -28.34 18.79
N VAL A 66 5.45 -28.38 20.03
CA VAL A 66 6.16 -27.59 21.04
C VAL A 66 7.43 -28.26 21.52
N PRO A 67 8.57 -27.59 21.52
CA PRO A 67 9.78 -28.22 22.01
C PRO A 67 9.67 -28.62 23.45
N ALA A 68 10.21 -29.80 23.73
CA ALA A 68 10.25 -30.45 25.04
C ALA A 68 10.13 -29.58 26.29
N PRO A 69 11.10 -28.69 26.47
CA PRO A 69 11.15 -27.81 27.63
C PRO A 69 9.98 -26.87 27.80
N HIS A 70 9.54 -26.23 26.71
CA HIS A 70 8.49 -25.22 26.69
C HIS A 70 7.20 -25.55 27.38
N ASP A 71 6.77 -24.70 28.34
CA ASP A 71 5.46 -24.91 29.02
C ASP A 71 4.48 -24.00 28.30
N PHE A 72 3.86 -24.51 27.29
CA PHE A 72 2.98 -23.67 26.49
C PHE A 72 1.60 -24.25 26.35
N THR A 73 0.58 -23.39 26.50
CA THR A 73 -0.78 -23.86 26.35
C THR A 73 -1.53 -23.05 25.31
N PRO A 74 -1.94 -23.72 24.25
CA PRO A 74 -2.73 -23.09 23.21
C PRO A 74 -4.18 -23.01 23.65
N LEU A 75 -4.78 -21.81 23.55
CA LEU A 75 -6.16 -21.58 23.90
C LEU A 75 -6.90 -21.47 22.57
N MET A 76 -7.74 -22.44 22.27
CA MET A 76 -8.45 -22.52 20.99
C MET A 76 -9.64 -21.64 20.80
N THR A 77 -9.95 -21.42 19.53
CA THR A 77 -11.08 -20.58 19.23
C THR A 77 -11.91 -21.21 18.13
N CYS A 78 -13.16 -20.81 18.06
CA CYS A 78 -14.05 -21.30 17.03
C CYS A 78 -14.29 -20.16 16.00
N TYR A 79 -14.24 -20.54 14.74
CA TYR A 79 -14.49 -19.58 13.67
C TYR A 79 -16.02 -19.46 13.52
N LEU A 80 -16.57 -18.29 13.73
CA LEU A 80 -18.02 -18.15 13.58
C LEU A 80 -18.49 -18.23 12.13
N THR A 81 -19.54 -19.02 11.85
CA THR A 81 -20.12 -19.19 10.51
C THR A 81 -21.64 -19.25 10.58
N ASP A 82 -22.33 -18.82 9.51
CA ASP A 82 -23.78 -18.81 9.46
C ASP A 82 -24.37 -20.14 9.84
N SER A 83 -23.66 -21.20 9.55
CA SER A 83 -24.13 -22.55 9.77
C SER A 83 -23.67 -23.22 11.04
N LEU A 84 -22.89 -22.52 11.82
CA LEU A 84 -22.43 -23.15 13.04
C LEU A 84 -23.58 -23.42 14.01
N ASP A 85 -23.58 -24.62 14.54
CA ASP A 85 -24.60 -25.01 15.52
C ASP A 85 -24.24 -24.49 16.92
N PRO A 86 -25.01 -23.53 17.45
CA PRO A 86 -24.74 -22.98 18.77
C PRO A 86 -24.42 -24.02 19.84
N ASN A 87 -24.98 -25.21 19.76
CA ASN A 87 -24.69 -26.21 20.74
C ASN A 87 -23.34 -26.76 20.49
N GLU A 88 -22.87 -26.55 19.30
CA GLU A 88 -21.57 -27.08 19.05
C GLU A 88 -20.54 -26.19 19.76
N LEU A 89 -20.85 -24.91 19.69
CA LEU A 89 -20.09 -23.84 20.27
C LEU A 89 -20.13 -23.97 21.79
N GLU A 90 -21.32 -24.25 22.34
CA GLU A 90 -21.46 -24.39 23.79
C GLU A 90 -20.72 -25.57 24.35
N ARG A 91 -20.82 -26.69 23.66
CA ARG A 91 -20.16 -27.92 24.03
C ARG A 91 -18.67 -27.69 24.14
N GLY A 92 -18.09 -27.15 23.05
CA GLY A 92 -16.66 -26.90 23.03
C GLY A 92 -16.23 -26.01 24.18
N PHE A 93 -17.04 -25.00 24.45
CA PHE A 93 -16.76 -24.06 25.55
C PHE A 93 -16.88 -24.82 26.87
N ASN A 94 -18.03 -25.46 27.07
CA ASN A 94 -18.24 -26.23 28.29
C ASN A 94 -17.13 -27.25 28.52
N GLU A 95 -16.62 -27.87 27.46
CA GLU A 95 -15.56 -28.84 27.63
C GLU A 95 -14.20 -28.22 27.67
N GLY A 96 -14.15 -26.90 27.77
CA GLY A 96 -12.88 -26.21 27.81
C GLY A 96 -12.08 -26.30 26.51
N VAL A 97 -12.73 -26.66 25.40
CA VAL A 97 -12.05 -26.76 24.11
C VAL A 97 -11.88 -25.35 23.48
N PHE A 98 -13.01 -24.63 23.38
CA PHE A 98 -13.04 -23.26 22.85
C PHE A 98 -12.94 -22.24 23.94
N THR A 99 -11.87 -21.47 23.95
CA THR A 99 -11.74 -20.43 24.95
C THR A 99 -12.53 -19.21 24.53
N ALA A 100 -12.66 -19.04 23.22
CA ALA A 100 -13.39 -17.93 22.67
C ALA A 100 -13.84 -18.22 21.24
N ALA A 101 -14.57 -17.27 20.67
CA ALA A 101 -15.01 -17.42 19.29
C ALA A 101 -14.58 -16.17 18.55
N KCX A 102 -14.26 -16.35 17.27
CA KCX A 102 -13.80 -15.25 16.43
CB KCX A 102 -12.42 -15.63 15.86
CG KCX A 102 -11.79 -14.60 14.90
CD KCX A 102 -11.43 -13.29 15.60
CE KCX A 102 -10.37 -12.47 14.88
NZ KCX A 102 -9.25 -13.32 14.44
C KCX A 102 -14.80 -14.96 15.30
O KCX A 102 -15.25 -15.87 14.61
CX KCX A 102 -8.44 -12.49 13.55
OQ1 KCX A 102 -8.65 -11.30 13.39
OQ2 KCX A 102 -7.50 -13.21 12.95
N LEU A 103 -15.08 -13.67 15.15
CA LEU A 103 -15.95 -13.07 14.16
C LEU A 103 -15.16 -12.31 13.07
N TYR A 104 -15.12 -12.89 11.89
CA TYR A 104 -14.44 -12.26 10.79
C TYR A 104 -15.44 -11.42 10.04
N PRO A 105 -14.98 -10.40 9.34
CA PRO A 105 -15.92 -9.57 8.60
C PRO A 105 -16.86 -10.35 7.71
N ALA A 106 -18.11 -9.94 7.75
CA ALA A 106 -19.08 -10.62 6.93
C ALA A 106 -18.99 -10.26 5.46
N ASN A 107 -19.10 -11.25 4.61
CA ASN A 107 -19.13 -10.99 3.19
C ASN A 107 -20.44 -11.60 2.73
N ALA A 108 -21.12 -10.97 1.80
CA ALA A 108 -22.36 -11.61 1.40
C ALA A 108 -22.08 -12.84 0.51
N THR A 109 -20.92 -12.80 -0.19
CA THR A 109 -20.46 -13.85 -1.09
C THR A 109 -19.89 -15.03 -0.31
N THR A 110 -19.85 -14.92 1.02
CA THR A 110 -19.28 -16.02 1.80
C THR A 110 -20.09 -17.28 1.92
N ASN A 111 -19.41 -18.36 1.61
CA ASN A 111 -20.01 -19.67 1.75
C ASN A 111 -20.46 -19.83 3.22
N SER A 112 -21.61 -20.42 3.47
CA SER A 112 -22.12 -20.55 4.83
C SER A 112 -21.25 -21.33 5.82
N SER A 113 -20.38 -22.19 5.32
CA SER A 113 -19.54 -22.97 6.19
C SER A 113 -18.16 -22.32 6.41
N HIS A 114 -17.96 -21.15 5.81
CA HIS A 114 -16.68 -20.46 5.91
C HIS A 114 -16.80 -19.08 6.48
N GLY A 115 -18.01 -18.64 6.77
CA GLY A 115 -18.14 -17.31 7.29
C GLY A 115 -19.57 -16.95 7.62
N VAL A 116 -19.71 -15.68 7.92
CA VAL A 116 -20.95 -15.08 8.33
C VAL A 116 -21.42 -14.08 7.27
N THR A 117 -22.73 -14.09 6.97
CA THR A 117 -23.23 -13.18 5.94
C THR A 117 -23.59 -11.83 6.49
N SER A 118 -23.91 -11.88 7.79
CA SER A 118 -24.31 -10.76 8.60
C SER A 118 -24.42 -11.15 10.08
N VAL A 119 -24.39 -10.16 10.95
CA VAL A 119 -24.50 -10.43 12.36
C VAL A 119 -25.86 -10.95 12.76
N ASP A 120 -26.89 -10.36 12.15
CA ASP A 120 -28.21 -10.80 12.50
C ASP A 120 -28.33 -12.28 12.19
N ALA A 121 -27.65 -12.70 11.12
CA ALA A 121 -27.76 -14.09 10.80
C ALA A 121 -27.18 -14.99 11.86
N ILE A 122 -26.33 -14.43 12.68
CA ILE A 122 -25.78 -15.32 13.69
C ILE A 122 -26.22 -14.96 15.09
N MET A 123 -27.41 -14.40 15.20
CA MET A 123 -27.90 -14.01 16.49
C MET A 123 -27.97 -15.15 17.50
N PRO A 124 -28.46 -16.28 17.02
CA PRO A 124 -28.55 -17.45 17.86
C PRO A 124 -27.20 -17.84 18.48
N VAL A 125 -26.14 -17.77 17.69
CA VAL A 125 -24.83 -18.12 18.22
C VAL A 125 -24.38 -17.11 19.26
N LEU A 126 -24.53 -15.86 18.90
CA LEU A 126 -24.10 -14.82 19.76
C LEU A 126 -24.80 -14.91 21.10
N GLU A 127 -26.10 -15.08 21.05
CA GLU A 127 -26.85 -15.18 22.26
C GLU A 127 -26.38 -16.33 23.11
N ARG A 128 -26.00 -17.43 22.53
CA ARG A 128 -25.52 -18.48 23.39
C ARG A 128 -24.20 -18.11 24.06
N MET A 129 -23.41 -17.24 23.40
CA MET A 129 -22.11 -16.81 23.93
C MET A 129 -22.34 -15.86 25.04
N GLU A 130 -23.26 -14.93 24.82
CA GLU A 130 -23.56 -13.98 25.88
C GLU A 130 -24.01 -14.78 27.07
N LYS A 131 -24.89 -15.73 26.82
CA LYS A 131 -25.43 -16.58 27.87
C LYS A 131 -24.44 -17.45 28.64
N ILE A 132 -23.53 -18.13 27.96
CA ILE A 132 -22.56 -18.96 28.66
C ILE A 132 -21.38 -18.14 29.16
N GLY A 133 -21.32 -16.87 28.74
CA GLY A 133 -20.24 -15.97 29.09
C GLY A 133 -18.97 -16.28 28.31
N MET A 134 -19.16 -16.50 27.01
CA MET A 134 -18.04 -16.79 26.14
C MET A 134 -17.63 -15.49 25.47
N PRO A 135 -16.34 -15.16 25.57
CA PRO A 135 -15.90 -13.92 24.98
C PRO A 135 -15.88 -14.02 23.43
N LEU A 136 -16.25 -12.91 22.77
CA LEU A 136 -16.28 -12.77 21.29
C LEU A 136 -15.08 -11.93 20.85
N LEU A 137 -14.27 -12.48 19.95
CA LEU A 137 -13.11 -11.76 19.46
C LEU A 137 -13.54 -11.23 18.11
N VAL A 138 -13.35 -9.93 17.89
CA VAL A 138 -13.79 -9.35 16.64
C VAL A 138 -12.70 -8.69 15.79
N HIS A 139 -12.69 -9.05 14.52
CA HIS A 139 -11.82 -8.40 13.54
C HIS A 139 -12.80 -7.34 12.99
N GLY A 140 -12.67 -6.12 13.53
CA GLY A 140 -13.55 -5.02 13.22
C GLY A 140 -13.32 -4.18 11.94
N GLU A 141 -13.81 -4.74 10.84
CA GLU A 141 -13.75 -4.07 9.54
C GLU A 141 -15.00 -4.38 8.73
N VAL A 142 -15.52 -3.39 7.99
CA VAL A 142 -16.65 -3.63 7.13
C VAL A 142 -15.97 -3.79 5.76
N THR A 143 -16.24 -4.86 5.06
CA THR A 143 -15.55 -5.13 3.82
C THR A 143 -16.16 -4.71 2.52
N HIS A 144 -17.18 -3.84 2.53
CA HIS A 144 -17.86 -3.35 1.31
C HIS A 144 -16.91 -2.67 0.35
N ALA A 145 -16.96 -3.15 -0.90
CA ALA A 145 -16.10 -2.65 -1.97
C ALA A 145 -16.15 -1.16 -2.11
N ASP A 146 -17.28 -0.60 -1.75
CA ASP A 146 -17.32 0.80 -1.88
C ASP A 146 -16.68 1.46 -0.69
N ILE A 147 -16.15 0.71 0.26
CA ILE A 147 -15.56 1.43 1.37
C ILE A 147 -14.05 1.54 1.24
N ASP A 148 -13.48 2.74 1.42
CA ASP A 148 -12.05 2.93 1.35
C ASP A 148 -11.36 2.05 2.39
N ILE A 149 -10.35 1.31 1.96
CA ILE A 149 -9.64 0.41 2.89
C ILE A 149 -9.29 1.06 4.20
N PHE A 150 -8.83 2.28 4.16
CA PHE A 150 -8.46 2.97 5.39
C PHE A 150 -9.63 3.36 6.30
N ASP A 151 -10.86 3.29 5.77
CA ASP A 151 -12.03 3.66 6.54
C ASP A 151 -12.78 2.49 7.13
N ARG A 152 -12.35 1.27 6.81
CA ARG A 152 -13.05 0.07 7.26
C ARG A 152 -13.21 -0.16 8.76
N GLU A 153 -12.22 0.19 9.50
CA GLU A 153 -12.30 -0.03 10.93
C GLU A 153 -13.29 0.93 11.56
N ALA A 154 -13.12 2.23 11.29
CA ALA A 154 -14.03 3.22 11.84
C ALA A 154 -15.49 2.96 11.48
N ARG A 155 -15.74 2.56 10.25
CA ARG A 155 -17.08 2.27 9.80
C ARG A 155 -17.64 1.03 10.52
N PHE A 156 -16.74 0.16 11.01
CA PHE A 156 -17.23 -1.02 11.70
C PHE A 156 -17.79 -0.57 13.06
N ILE A 157 -17.09 0.33 13.69
CA ILE A 157 -17.54 0.84 14.97
C ILE A 157 -19.02 1.22 14.98
N GLU A 158 -19.37 2.19 14.15
CA GLU A 158 -20.74 2.73 14.02
C GLU A 158 -21.78 1.79 13.43
N SER A 159 -21.37 1.01 12.46
CA SER A 159 -22.30 0.13 11.83
C SER A 159 -22.47 -1.19 12.46
N VAL A 160 -21.42 -1.74 13.07
CA VAL A 160 -21.59 -3.07 13.63
C VAL A 160 -21.37 -3.19 15.14
N MET A 161 -20.22 -2.71 15.59
CA MET A 161 -19.81 -2.76 16.98
C MET A 161 -20.85 -2.25 17.97
N GLU A 162 -21.14 -0.94 17.94
CA GLU A 162 -22.11 -0.33 18.85
C GLU A 162 -23.39 -1.15 18.94
N PRO A 163 -24.05 -1.18 17.79
CA PRO A 163 -25.29 -1.89 17.69
C PRO A 163 -25.24 -3.25 18.32
N LEU A 164 -24.26 -4.03 17.91
CA LEU A 164 -24.08 -5.37 18.41
C LEU A 164 -23.97 -5.39 19.91
N ARG A 165 -23.22 -4.43 20.43
CA ARG A 165 -23.05 -4.42 21.87
C ARG A 165 -24.37 -4.01 22.48
N GLN A 166 -25.10 -3.20 21.71
CA GLN A 166 -26.39 -2.76 22.16
C GLN A 166 -27.39 -3.93 22.26
N ARG A 167 -27.39 -4.81 21.27
CA ARG A 167 -28.25 -5.98 21.35
C ARG A 167 -27.76 -7.08 22.34
N LEU A 168 -26.45 -7.23 22.60
CA LEU A 168 -25.97 -8.25 23.55
C LEU A 168 -25.23 -7.59 24.74
N THR A 169 -25.98 -6.94 25.65
CA THR A 169 -25.42 -6.22 26.81
C THR A 169 -24.54 -7.00 27.76
N ALA A 170 -24.69 -8.30 27.81
CA ALA A 170 -23.79 -8.96 28.73
C ALA A 170 -22.57 -9.57 28.02
N LEU A 171 -22.57 -9.60 26.68
CA LEU A 171 -21.45 -10.21 25.96
C LEU A 171 -20.12 -9.53 26.17
N LYS A 172 -19.07 -10.31 26.46
CA LYS A 172 -17.69 -9.81 26.63
C LYS A 172 -17.06 -9.79 25.21
N VAL A 173 -16.47 -8.66 24.82
CA VAL A 173 -15.90 -8.51 23.48
C VAL A 173 -14.51 -7.95 23.42
N VAL A 174 -13.66 -8.56 22.58
CA VAL A 174 -12.30 -8.02 22.39
C VAL A 174 -12.24 -7.45 20.99
N PHE A 175 -11.91 -6.19 20.91
CA PHE A 175 -11.75 -5.52 19.65
C PHE A 175 -10.29 -5.84 19.26
N GLU A 176 -10.11 -6.87 18.43
CA GLU A 176 -8.78 -7.26 18.05
C GLU A 176 -8.04 -6.18 17.29
N HIS A 177 -6.73 -6.27 17.42
CA HIS A 177 -5.78 -5.42 16.76
C HIS A 177 -6.35 -4.12 16.29
N ILE A 178 -6.57 -3.18 17.23
CA ILE A 178 -7.11 -1.90 16.86
C ILE A 178 -6.03 -1.10 16.18
N THR A 179 -6.40 -0.29 15.19
CA THR A 179 -5.39 0.44 14.46
C THR A 179 -5.72 1.92 14.30
N THR A 180 -6.82 2.36 14.94
CA THR A 180 -7.24 3.75 14.79
C THR A 180 -7.46 4.52 16.06
N LYS A 181 -7.44 5.83 15.93
CA LYS A 181 -7.73 6.63 17.14
C LYS A 181 -9.23 6.43 17.42
N ASP A 182 -9.96 6.14 16.35
CA ASP A 182 -11.38 5.89 16.46
C ASP A 182 -11.61 4.74 17.45
N ALA A 183 -10.89 3.67 17.23
CA ALA A 183 -11.02 2.46 18.02
C ALA A 183 -10.48 2.67 19.40
N ALA A 184 -9.40 3.40 19.44
CA ALA A 184 -8.76 3.65 20.67
C ALA A 184 -9.68 4.40 21.60
N ASP A 185 -10.32 5.44 21.10
CA ASP A 185 -11.23 6.23 21.91
C ASP A 185 -12.45 5.40 22.33
N TYR A 186 -12.99 4.62 21.39
CA TYR A 186 -14.14 3.77 21.64
C TYR A 186 -13.88 2.84 22.79
N VAL A 187 -12.81 2.10 22.66
CA VAL A 187 -12.44 1.14 23.69
C VAL A 187 -12.19 1.83 25.01
N ARG A 188 -11.39 2.87 24.96
CA ARG A 188 -11.06 3.61 26.18
C ARG A 188 -12.28 4.07 26.98
N ASP A 189 -13.34 4.45 26.28
CA ASP A 189 -14.55 4.95 26.90
C ASP A 189 -15.59 3.89 27.08
N GLY A 190 -15.23 2.65 26.84
CA GLY A 190 -16.17 1.55 26.97
C GLY A 190 -16.30 0.99 28.39
N ASN A 191 -17.12 -0.07 28.48
CA ASN A 191 -17.36 -0.73 29.73
C ASN A 191 -16.41 -1.89 30.01
N GLU A 192 -16.46 -2.42 31.22
CA GLU A 192 -15.63 -3.52 31.66
C GLU A 192 -15.80 -4.73 30.77
N ARG A 193 -16.79 -4.68 29.86
CA ARG A 193 -17.04 -5.81 28.96
C ARG A 193 -16.41 -5.64 27.57
N LEU A 194 -15.66 -4.58 27.43
CA LEU A 194 -15.00 -4.27 26.17
C LEU A 194 -13.47 -4.10 26.38
N ALA A 195 -12.67 -4.87 25.60
CA ALA A 195 -11.22 -4.78 25.66
C ALA A 195 -10.66 -4.72 24.22
N ALA A 196 -9.32 -4.64 24.07
CA ALA A 196 -8.70 -4.60 22.74
C ALA A 196 -7.30 -5.17 22.79
N THR A 197 -6.80 -5.61 21.63
CA THR A 197 -5.40 -6.08 21.50
C THR A 197 -4.75 -5.12 20.49
N ILE A 198 -3.44 -4.91 20.65
CA ILE A 198 -2.67 -4.04 19.77
C ILE A 198 -1.40 -4.80 19.37
N THR A 199 -1.07 -4.79 18.07
CA THR A 199 0.12 -5.50 17.56
C THR A 199 1.32 -4.60 17.68
N PRO A 200 2.49 -5.15 17.59
CA PRO A 200 3.66 -4.32 17.67
C PRO A 200 3.77 -3.43 16.44
N GLN A 201 3.45 -3.97 15.24
CA GLN A 201 3.57 -3.16 14.02
C GLN A 201 2.70 -1.91 14.06
N HIS A 202 1.50 -2.03 14.62
CA HIS A 202 0.62 -0.85 14.68
C HIS A 202 1.11 0.20 15.69
N LEU A 203 2.00 -0.21 16.63
CA LEU A 203 2.53 0.76 17.55
C LEU A 203 3.84 1.33 17.00
N MET A 204 4.57 0.50 16.28
CA MET A 204 5.83 0.97 15.79
C MET A 204 5.78 1.74 14.50
N PHE A 205 4.83 1.47 13.63
CA PHE A 205 4.80 2.14 12.34
C PHE A 205 3.46 2.72 11.93
N ASN A 206 3.48 3.47 10.82
CA ASN A 206 2.26 4.01 10.25
C ASN A 206 2.33 3.69 8.75
N ARG A 207 1.31 4.03 7.99
CA ARG A 207 1.34 3.72 6.56
C ARG A 207 2.57 4.25 5.81
N ASN A 208 3.15 5.37 6.30
CA ASN A 208 4.30 5.91 5.62
C ASN A 208 5.40 4.89 5.51
N HIS A 209 5.63 4.13 6.58
CA HIS A 209 6.69 3.12 6.62
C HIS A 209 6.55 2.02 5.60
N MET A 210 5.28 1.78 5.22
CA MET A 210 4.91 0.75 4.27
C MET A 210 4.95 1.23 2.82
N LEU A 211 4.85 2.56 2.64
CA LEU A 211 4.76 3.09 1.27
C LEU A 211 5.76 4.13 0.85
N VAL A 212 6.47 4.68 1.77
CA VAL A 212 7.37 5.69 1.35
C VAL A 212 8.72 5.11 1.02
N GLY A 213 9.23 5.40 -0.17
CA GLY A 213 10.54 4.89 -0.53
C GLY A 213 10.49 3.49 -1.16
N GLY A 214 9.30 2.97 -1.37
CA GLY A 214 9.08 1.67 -1.97
C GLY A 214 7.89 1.00 -1.27
N VAL A 215 7.29 0.00 -1.89
CA VAL A 215 6.18 -0.72 -1.27
C VAL A 215 6.80 -1.90 -0.47
N ARG A 216 6.47 -2.02 0.80
CA ARG A 216 7.06 -3.05 1.65
C ARG A 216 6.04 -4.05 2.14
N PRO A 217 5.88 -5.13 1.37
CA PRO A 217 4.88 -6.15 1.72
C PRO A 217 5.02 -6.78 3.10
N HIS A 218 6.22 -6.74 3.72
CA HIS A 218 6.37 -7.33 5.03
C HIS A 218 5.68 -6.46 6.11
N LEU A 219 5.30 -5.22 5.69
CA LEU A 219 4.61 -4.33 6.61
C LEU A 219 3.15 -4.28 6.25
N TYR A 220 2.79 -5.04 5.22
CA TYR A 220 1.42 -5.12 4.75
C TYR A 220 0.68 -6.17 5.57
N CYS A 221 -0.37 -5.74 6.24
CA CYS A 221 -1.21 -6.60 7.07
C CYS A 221 -2.62 -5.99 7.22
N LEU A 222 -3.58 -6.75 7.73
CA LEU A 222 -4.94 -6.27 7.99
C LEU A 222 -5.14 -6.23 9.51
N PRO A 223 -5.75 -5.21 10.05
CA PRO A 223 -6.23 -4.04 9.33
C PRO A 223 -4.98 -3.24 8.90
N ILE A 224 -5.07 -2.51 7.79
CA ILE A 224 -3.94 -1.80 7.27
C ILE A 224 -3.39 -0.71 8.16
N LEU A 225 -2.09 -0.51 8.08
CA LEU A 225 -1.42 0.54 8.82
C LEU A 225 -2.12 1.83 8.43
N LYS A 226 -2.41 2.65 9.43
CA LYS A 226 -3.11 3.94 9.27
C LYS A 226 -2.18 5.14 9.33
N ARG A 227 -2.76 6.37 9.25
CA ARG A 227 -1.92 7.57 9.33
C ARG A 227 -1.29 7.73 10.67
N ASN A 228 -0.20 8.51 10.74
CA ASN A 228 0.50 8.74 11.98
C ASN A 228 -0.41 9.14 13.15
N ILE A 229 -1.41 9.95 12.91
CA ILE A 229 -2.27 10.33 14.05
C ILE A 229 -2.81 9.10 14.76
N HIS A 230 -3.15 8.08 13.97
CA HIS A 230 -3.69 6.83 14.51
C HIS A 230 -2.64 6.09 15.31
N GLN A 231 -1.45 5.99 14.72
CA GLN A 231 -0.34 5.33 15.38
C GLN A 231 -0.12 6.00 16.71
N GLN A 232 -0.26 7.34 16.70
CA GLN A 232 -0.06 8.11 17.93
C GLN A 232 -1.11 7.79 19.02
N ALA A 233 -2.36 7.73 18.59
CA ALA A 233 -3.49 7.40 19.41
C ALA A 233 -3.24 6.04 20.07
N LEU A 234 -2.79 5.04 19.31
CA LEU A 234 -2.53 3.74 19.89
C LEU A 234 -1.45 3.79 20.95
N ARG A 235 -0.39 4.50 20.65
CA ARG A 235 0.72 4.61 21.55
C ARG A 235 0.33 5.22 22.90
N GLU A 236 -0.55 6.20 22.80
CA GLU A 236 -1.02 6.90 23.96
C GLU A 236 -1.83 5.99 24.81
N LEU A 237 -2.70 5.24 24.17
CA LEU A 237 -3.56 4.28 24.83
C LEU A 237 -2.76 3.27 25.66
N VAL A 238 -1.78 2.61 25.05
CA VAL A 238 -0.98 1.65 25.83
C VAL A 238 -0.23 2.31 26.95
N ALA A 239 0.35 3.47 26.64
CA ALA A 239 1.13 4.24 27.59
C ALA A 239 0.31 4.84 28.73
N SER A 240 -0.99 5.01 28.51
CA SER A 240 -1.88 5.59 29.52
C SER A 240 -2.05 4.73 30.76
N GLY A 241 -1.89 3.43 30.62
CA GLY A 241 -2.07 2.52 31.73
C GLY A 241 -3.42 1.84 31.66
N PHE A 242 -4.24 2.24 30.67
CA PHE A 242 -5.55 1.66 30.45
C PHE A 242 -5.35 0.16 30.59
N GLN A 243 -6.11 -0.47 31.45
CA GLN A 243 -6.01 -1.90 31.77
C GLN A 243 -6.86 -2.83 30.92
N ARG A 244 -7.55 -2.29 29.91
CA ARG A 244 -8.37 -3.09 29.01
C ARG A 244 -7.80 -3.25 27.60
N VAL A 245 -6.48 -3.02 27.52
CA VAL A 245 -5.72 -3.22 26.31
C VAL A 245 -4.60 -4.17 26.71
N PHE A 246 -4.33 -5.18 25.84
CA PHE A 246 -3.30 -6.16 26.13
C PHE A 246 -2.64 -6.67 24.87
N LEU A 247 -1.52 -7.36 25.10
CA LEU A 247 -0.69 -7.96 24.05
C LEU A 247 -1.44 -8.99 23.18
N GLY A 248 -1.47 -8.72 21.89
CA GLY A 248 -2.04 -9.58 20.87
C GLY A 248 -1.17 -9.34 19.66
N THR A 249 -0.20 -10.21 19.40
CA THR A 249 0.71 -9.96 18.30
C THR A 249 0.13 -9.95 16.91
N ASP A 250 -0.85 -10.79 16.68
CA ASP A 250 -1.36 -10.97 15.35
C ASP A 250 -0.26 -11.53 14.45
N SER A 251 0.66 -12.31 15.03
CA SER A 251 1.72 -12.91 14.22
C SER A 251 1.02 -13.75 13.18
N ALA A 252 1.24 -13.47 11.88
CA ALA A 252 0.54 -14.15 10.80
C ALA A 252 1.49 -14.41 9.67
N PRO A 253 2.24 -15.47 9.80
CA PRO A 253 3.26 -15.85 8.84
C PRO A 253 2.80 -16.37 7.50
N HIS A 254 3.55 -15.96 6.50
CA HIS A 254 3.40 -16.38 5.13
C HIS A 254 4.79 -16.61 4.54
N ALA A 255 4.90 -17.60 3.65
CA ALA A 255 6.18 -17.84 2.99
C ALA A 255 6.57 -16.59 2.23
N ARG A 256 7.90 -16.38 2.17
CA ARG A 256 8.48 -15.23 1.48
C ARG A 256 7.88 -15.03 0.09
N HIS A 257 7.77 -16.12 -0.65
CA HIS A 257 7.25 -16.06 -2.01
C HIS A 257 5.79 -15.59 -2.10
N ARG A 258 5.05 -15.82 -1.02
CA ARG A 258 3.65 -15.45 -0.94
C ARG A 258 3.55 -13.97 -0.47
N LYS A 259 4.65 -13.46 0.14
CA LYS A 259 4.65 -12.05 0.57
C LYS A 259 5.11 -11.09 -0.57
N GLU A 260 6.17 -11.52 -1.26
CA GLU A 260 6.83 -10.82 -2.38
C GLU A 260 6.38 -11.42 -3.70
N SER A 261 5.19 -11.09 -4.07
CA SER A 261 4.55 -11.56 -5.27
C SER A 261 3.71 -10.40 -5.87
N SER A 262 3.03 -10.70 -6.97
CA SER A 262 2.23 -9.68 -7.62
C SER A 262 1.01 -9.33 -6.79
N CYS A 263 0.73 -10.18 -5.80
CA CYS A 263 -0.40 -9.98 -4.89
C CYS A 263 -0.02 -10.54 -3.51
N GLY A 264 0.74 -9.77 -2.76
CA GLY A 264 1.24 -10.19 -1.45
C GLY A 264 0.18 -10.42 -0.39
N CYS A 265 0.34 -11.54 0.34
CA CYS A 265 -0.58 -11.83 1.42
C CYS A 265 -0.41 -10.89 2.60
N ALA A 266 -1.49 -10.59 3.29
CA ALA A 266 -1.41 -9.73 4.44
C ALA A 266 -0.91 -10.48 5.65
N GLY A 267 -0.04 -9.88 6.42
CA GLY A 267 0.41 -10.53 7.65
C GLY A 267 1.87 -10.38 8.01
N CYS A 268 2.14 -10.01 9.23
CA CYS A 268 3.50 -9.88 9.72
C CYS A 268 3.93 -11.06 10.63
N PHE A 269 5.08 -11.69 10.35
CA PHE A 269 5.52 -12.80 11.21
C PHE A 269 6.33 -12.15 12.35
N ASN A 270 5.64 -11.70 13.37
CA ASN A 270 6.29 -10.98 14.44
C ASN A 270 6.52 -11.78 15.71
N ALA A 271 6.09 -13.05 15.73
CA ALA A 271 6.33 -13.83 16.95
C ALA A 271 7.74 -13.68 17.53
N PRO A 272 8.74 -13.87 16.70
CA PRO A 272 10.09 -13.80 17.21
C PRO A 272 10.58 -12.50 17.87
N THR A 273 10.06 -11.34 17.41
CA THR A 273 10.51 -10.06 17.87
C THR A 273 9.45 -9.18 18.51
N ALA A 274 8.23 -9.65 18.64
CA ALA A 274 7.18 -8.80 19.21
C ALA A 274 7.45 -8.24 20.61
N LEU A 275 7.81 -9.10 21.57
CA LEU A 275 8.03 -8.72 22.95
C LEU A 275 8.99 -7.55 23.11
N GLY A 276 10.15 -7.69 22.49
CA GLY A 276 11.20 -6.67 22.52
C GLY A 276 10.68 -5.37 21.93
N SER A 277 9.93 -5.48 20.82
CA SER A 277 9.34 -4.33 20.14
C SER A 277 8.38 -3.58 21.07
N TYR A 278 7.58 -4.34 21.80
CA TYR A 278 6.63 -3.71 22.72
C TYR A 278 7.36 -2.94 23.79
N ALA A 279 8.41 -3.59 24.33
CA ALA A 279 9.24 -2.96 25.36
C ALA A 279 9.82 -1.68 24.79
N THR A 280 10.38 -1.78 23.59
CA THR A 280 10.93 -0.59 22.99
C THR A 280 9.86 0.53 22.93
N VAL A 281 8.63 0.18 22.59
CA VAL A 281 7.58 1.19 22.52
C VAL A 281 7.29 1.80 23.88
N PHE A 282 7.05 0.95 24.88
CA PHE A 282 6.74 1.43 26.23
C PHE A 282 7.84 2.33 26.77
N GLU A 283 9.06 2.00 26.41
CA GLU A 283 10.19 2.77 26.86
C GLU A 283 10.12 4.17 26.26
N GLU A 284 10.03 4.20 24.94
CA GLU A 284 9.97 5.48 24.26
C GLU A 284 8.80 6.29 24.79
N MET A 285 7.75 5.61 25.22
CA MET A 285 6.66 6.39 25.74
C MET A 285 6.85 6.70 27.21
N ASN A 286 7.96 6.27 27.79
CA ASN A 286 8.16 6.52 29.19
C ASN A 286 7.06 5.88 30.00
N ALA A 287 6.62 4.70 29.52
CA ALA A 287 5.56 3.97 30.17
C ALA A 287 5.94 2.57 30.60
N LEU A 288 7.24 2.35 30.76
CA LEU A 288 7.69 1.04 31.18
C LEU A 288 6.94 0.49 32.39
N GLN A 289 6.44 1.37 33.24
CA GLN A 289 5.71 0.91 34.41
C GLN A 289 4.44 0.20 34.06
N HIS A 290 4.01 0.33 32.79
CA HIS A 290 2.77 -0.30 32.38
C HIS A 290 3.00 -1.47 31.46
N PHE A 291 4.27 -1.73 31.20
CA PHE A 291 4.69 -2.80 30.30
C PHE A 291 4.19 -4.17 30.74
N GLU A 292 4.59 -4.56 31.92
CA GLU A 292 4.18 -5.83 32.45
C GLU A 292 2.68 -6.10 32.40
N ALA A 293 1.89 -5.12 32.80
CA ALA A 293 0.43 -5.28 32.82
C ALA A 293 -0.13 -5.62 31.47
N PHE A 294 0.37 -4.88 30.47
CA PHE A 294 0.00 -5.03 29.07
C PHE A 294 0.29 -6.44 28.58
N CYS A 295 1.47 -6.91 28.95
CA CYS A 295 1.98 -8.23 28.54
C CYS A 295 1.50 -9.42 29.31
N SER A 296 1.25 -9.25 30.61
CA SER A 296 0.95 -10.44 31.36
C SER A 296 -0.15 -10.40 32.41
N VAL A 297 -0.85 -9.30 32.50
CA VAL A 297 -1.90 -9.18 33.52
C VAL A 297 -3.28 -8.81 32.96
N ASN A 298 -3.34 -7.77 32.08
CA ASN A 298 -4.61 -7.30 31.52
C ASN A 298 -5.42 -8.37 30.84
N GLY A 299 -4.76 -9.15 29.98
CA GLY A 299 -5.47 -10.19 29.25
C GLY A 299 -6.04 -11.23 30.21
N PRO A 300 -5.23 -11.74 31.07
CA PRO A 300 -5.73 -12.76 31.98
C PRO A 300 -6.95 -12.30 32.77
N GLN A 301 -6.88 -11.08 33.28
CA GLN A 301 -7.96 -10.49 34.03
C GLN A 301 -9.20 -10.40 33.15
N PHE A 302 -9.04 -9.95 31.91
CA PHE A 302 -10.21 -9.88 31.04
C PHE A 302 -10.86 -11.23 30.75
N TYR A 303 -10.02 -12.24 30.50
CA TYR A 303 -10.52 -13.56 30.17
C TYR A 303 -10.90 -14.37 31.40
N GLY A 304 -10.63 -13.81 32.60
CA GLY A 304 -10.90 -14.45 33.88
C GLY A 304 -10.00 -15.63 34.13
N LEU A 305 -8.73 -15.50 33.69
CA LEU A 305 -7.69 -16.56 33.83
C LEU A 305 -6.59 -16.13 34.77
N PRO A 306 -5.90 -17.08 35.38
CA PRO A 306 -4.85 -16.67 36.25
C PRO A 306 -3.65 -16.04 35.51
N VAL A 307 -2.95 -15.17 36.21
CA VAL A 307 -1.76 -14.49 35.78
C VAL A 307 -0.66 -15.51 35.95
N ASN A 308 0.29 -15.60 35.02
CA ASN A 308 1.39 -16.57 35.09
C ASN A 308 2.27 -16.45 36.35
N ASP A 309 2.80 -17.61 36.74
CA ASP A 309 3.64 -17.83 37.92
C ASP A 309 5.12 -17.73 37.69
N THR A 310 5.55 -17.69 36.46
CA THR A 310 6.97 -17.62 36.24
C THR A 310 7.35 -16.27 35.71
N PHE A 311 8.64 -16.03 35.62
CA PHE A 311 9.09 -14.78 35.12
C PHE A 311 9.98 -14.98 33.92
N ILE A 312 10.23 -13.89 33.23
CA ILE A 312 11.05 -13.86 32.07
C ILE A 312 11.84 -12.57 32.10
N GLU A 313 12.93 -12.47 31.36
CA GLU A 313 13.63 -11.22 31.44
C GLU A 313 14.07 -10.68 30.14
N LEU A 314 13.92 -9.37 29.99
CA LEU A 314 14.38 -8.74 28.77
C LEU A 314 15.63 -7.95 29.12
N VAL A 315 16.58 -8.02 28.24
CA VAL A 315 17.79 -7.31 28.52
C VAL A 315 17.95 -6.22 27.52
N ARG A 316 18.40 -5.08 28.00
CA ARG A 316 18.55 -4.01 27.07
C ARG A 316 19.85 -4.03 26.30
N GLU A 317 20.13 -5.17 25.69
CA GLU A 317 21.34 -5.37 24.92
C GLU A 317 21.03 -5.55 23.44
N GLU A 318 21.73 -4.75 22.61
CA GLU A 318 21.58 -4.74 21.17
C GLU A 318 21.74 -6.07 20.44
N GLN A 319 20.72 -6.34 19.64
CA GLN A 319 20.68 -7.54 18.89
C GLN A 319 20.20 -7.33 17.49
N GLN A 320 20.67 -8.23 16.63
CA GLN A 320 20.30 -8.18 15.24
C GLN A 320 19.31 -9.28 14.96
N VAL A 321 18.27 -8.93 14.21
CA VAL A 321 17.23 -9.90 13.83
C VAL A 321 17.66 -10.72 12.59
N ALA A 322 17.47 -12.02 12.60
CA ALA A 322 17.83 -12.83 11.45
C ALA A 322 17.25 -12.26 10.17
N GLU A 323 17.90 -12.50 9.03
CA GLU A 323 17.33 -12.02 7.77
C GLU A 323 16.12 -12.86 7.32
N SER A 324 16.16 -14.15 7.63
CA SER A 324 15.10 -15.09 7.30
C SER A 324 15.24 -16.30 8.16
N ILE A 325 14.17 -17.07 8.18
CA ILE A 325 14.04 -18.31 8.91
C ILE A 325 13.64 -19.38 7.89
N ALA A 326 14.37 -20.49 7.90
CA ALA A 326 14.10 -21.52 6.94
C ALA A 326 12.83 -22.29 7.13
N LEU A 327 12.16 -22.52 5.99
CA LEU A 327 10.95 -23.32 5.92
C LEU A 327 11.37 -24.49 5.06
N THR A 328 10.50 -25.46 4.97
CA THR A 328 10.78 -26.61 4.16
C THR A 328 11.08 -26.22 2.72
N ASP A 329 10.15 -25.48 2.09
CA ASP A 329 10.31 -25.11 0.68
C ASP A 329 10.54 -23.65 0.31
N ASP A 330 10.70 -22.80 1.30
CA ASP A 330 10.94 -21.38 1.10
C ASP A 330 11.44 -20.87 2.42
N THR A 331 11.42 -19.55 2.58
CA THR A 331 11.85 -18.98 3.82
C THR A 331 10.75 -18.07 4.36
N LEU A 332 10.92 -17.71 5.62
CA LEU A 332 10.01 -16.85 6.30
C LEU A 332 10.82 -15.65 6.70
N VAL A 333 10.31 -14.45 6.42
CA VAL A 333 11.02 -13.20 6.78
C VAL A 333 10.41 -12.65 8.08
N PRO A 334 11.14 -12.61 9.17
CA PRO A 334 10.55 -12.12 10.42
C PRO A 334 10.40 -10.60 10.43
N PHE A 335 9.60 -10.14 11.38
CA PHE A 335 9.31 -8.72 11.57
C PHE A 335 10.65 -8.10 11.96
N LEU A 336 11.04 -7.00 11.29
CA LEU A 336 12.33 -6.33 11.56
C LEU A 336 13.53 -7.18 11.16
N ALA A 337 13.34 -8.07 10.18
CA ALA A 337 14.45 -8.92 9.76
C ALA A 337 15.69 -8.11 9.42
N GLY A 338 16.84 -8.57 9.88
CA GLY A 338 18.05 -7.88 9.54
C GLY A 338 18.31 -6.65 10.34
N GLU A 339 17.39 -6.32 11.19
CA GLU A 339 17.61 -5.14 11.97
C GLU A 339 18.25 -5.40 13.33
N THR A 340 18.74 -4.27 13.87
CA THR A 340 19.36 -4.25 15.16
C THR A 340 18.32 -3.76 16.12
N VAL A 341 17.95 -4.69 16.97
CA VAL A 341 16.94 -4.56 17.98
C VAL A 341 17.48 -4.28 19.40
N ARG A 342 16.87 -3.24 20.02
CA ARG A 342 17.19 -2.71 21.36
C ARG A 342 16.97 -3.62 22.57
N TRP A 343 15.81 -4.28 22.67
CA TRP A 343 15.48 -5.18 23.80
C TRP A 343 15.35 -6.62 23.37
N SER A 344 16.04 -7.49 24.05
CA SER A 344 15.95 -8.89 23.69
C SER A 344 15.73 -9.82 24.87
N VAL A 345 15.11 -10.96 24.62
CA VAL A 345 14.91 -11.87 25.70
C VAL A 345 16.23 -12.55 26.12
N LYS A 346 16.36 -12.74 27.44
CA LYS A 346 17.52 -13.36 28.07
C LYS A 346 17.20 -14.83 28.34
N SER B 4 -18.39 -3.61 -32.60
CA SER B 4 -17.41 -3.64 -33.67
C SER B 4 -16.83 -2.26 -33.89
N GLN B 5 -17.16 -1.38 -32.95
CA GLN B 5 -16.72 0.00 -32.95
C GLN B 5 -15.24 0.10 -33.18
N VAL B 6 -14.90 1.07 -33.98
CA VAL B 6 -13.54 1.39 -34.29
C VAL B 6 -13.44 2.89 -34.05
N LEU B 7 -12.39 3.32 -33.39
CA LEU B 7 -12.21 4.74 -33.13
C LEU B 7 -11.06 5.20 -33.98
N LYS B 8 -11.28 6.23 -34.77
CA LYS B 8 -10.21 6.73 -35.61
C LYS B 8 -9.73 8.06 -35.07
N ILE B 9 -8.46 8.12 -34.69
CA ILE B 9 -7.90 9.36 -34.15
C ILE B 9 -6.57 9.74 -34.79
N ARG B 10 -6.26 11.02 -34.61
CA ARG B 10 -5.00 11.49 -35.10
C ARG B 10 -3.92 10.80 -34.21
N ARG B 11 -2.81 10.36 -34.79
CA ARG B 11 -1.78 9.71 -34.00
C ARG B 11 -1.52 10.50 -32.73
N PRO B 12 -1.41 9.82 -31.59
CA PRO B 12 -1.20 10.54 -30.34
C PRO B 12 0.29 10.68 -30.00
N ASP B 13 0.57 11.34 -28.87
CA ASP B 13 1.95 11.51 -28.40
C ASP B 13 1.92 11.24 -26.89
N ASP B 14 3.04 10.87 -26.34
CA ASP B 14 3.05 10.61 -24.90
C ASP B 14 3.80 11.73 -24.19
N TRP B 15 3.08 12.61 -23.51
CA TRP B 15 3.78 13.70 -22.86
C TRP B 15 4.47 13.43 -21.52
N HIS B 16 4.70 12.16 -21.17
CA HIS B 16 5.38 11.77 -19.92
C HIS B 16 5.82 10.31 -19.97
N LEU B 17 7.10 10.09 -20.31
CA LEU B 17 7.63 8.73 -20.47
C LEU B 17 9.03 8.47 -19.93
N HIS B 18 9.21 7.22 -19.40
CA HIS B 18 10.48 6.75 -18.88
C HIS B 18 10.91 5.63 -19.77
N LEU B 19 12.00 5.85 -20.52
CA LEU B 19 12.51 4.85 -21.46
C LEU B 19 13.69 4.09 -20.91
N ARG B 20 14.19 4.57 -19.77
CA ARG B 20 15.32 3.94 -19.14
C ARG B 20 16.54 4.02 -20.06
N ASP B 21 17.33 2.99 -20.03
CA ASP B 21 18.52 2.95 -20.84
C ASP B 21 18.94 1.48 -21.10
N GLY B 22 20.01 1.31 -21.86
CA GLY B 22 20.51 -0.02 -22.14
C GLY B 22 19.49 -1.01 -22.68
N ASP B 23 19.62 -2.18 -22.13
CA ASP B 23 18.77 -3.28 -22.50
C ASP B 23 17.31 -2.99 -22.26
N MET B 24 17.03 -2.42 -21.11
CA MET B 24 15.66 -2.09 -20.81
C MET B 24 15.14 -1.18 -21.88
N LEU B 25 15.92 -0.18 -22.25
CA LEU B 25 15.54 0.78 -23.29
C LEU B 25 15.20 0.09 -24.61
N LYS B 26 16.07 -0.83 -25.02
CA LYS B 26 15.85 -1.56 -26.26
C LYS B 26 14.52 -2.31 -26.27
N THR B 27 14.19 -2.92 -25.10
CA THR B 27 12.97 -3.69 -24.94
C THR B 27 11.69 -2.89 -24.95
N VAL B 28 11.71 -1.81 -24.21
CA VAL B 28 10.54 -0.95 -24.06
C VAL B 28 10.22 0.07 -25.14
N VAL B 29 11.22 0.74 -25.71
CA VAL B 29 10.90 1.74 -26.74
C VAL B 29 9.86 1.31 -27.75
N PRO B 30 10.05 0.14 -28.35
CA PRO B 30 9.11 -0.30 -29.38
C PRO B 30 7.63 -0.23 -29.00
N TYR B 31 7.33 -0.33 -27.72
CA TYR B 31 5.94 -0.28 -27.29
C TYR B 31 5.40 1.11 -27.44
N THR B 32 6.32 2.06 -27.36
CA THR B 32 5.91 3.44 -27.51
C THR B 32 5.96 3.83 -28.99
N SER B 33 7.11 3.59 -29.58
CA SER B 33 7.34 3.97 -30.97
C SER B 33 6.34 3.41 -31.96
N GLU B 34 5.88 2.22 -31.70
CA GLU B 34 4.94 1.64 -32.62
C GLU B 34 3.61 2.32 -32.65
N ILE B 35 3.43 3.30 -31.79
CA ILE B 35 2.17 3.96 -31.73
C ILE B 35 2.23 5.47 -31.64
N TYR B 36 3.10 6.00 -30.78
CA TYR B 36 3.15 7.46 -30.56
C TYR B 36 4.07 8.18 -31.53
N GLY B 37 3.66 9.39 -31.94
CA GLY B 37 4.47 10.16 -32.88
C GLY B 37 5.70 10.69 -32.18
N ARG B 38 5.43 11.25 -31.00
CA ARG B 38 6.44 11.81 -30.16
C ARG B 38 6.14 11.41 -28.71
N ALA B 39 7.10 11.69 -27.86
CA ALA B 39 7.01 11.43 -26.43
C ALA B 39 8.04 12.27 -25.67
N ILE B 40 7.60 12.83 -24.54
CA ILE B 40 8.53 13.57 -23.69
C ILE B 40 9.29 12.51 -22.88
N VAL B 41 10.59 12.41 -23.06
CA VAL B 41 11.39 11.40 -22.39
C VAL B 41 11.98 11.96 -21.12
N MET B 42 11.69 11.30 -20.00
CA MET B 42 12.19 11.78 -18.74
C MET B 42 13.68 11.60 -18.62
N PRO B 43 14.30 12.46 -17.79
CA PRO B 43 15.74 12.51 -17.58
C PRO B 43 16.28 11.83 -16.34
N ASN B 44 15.42 11.13 -15.60
CA ASN B 44 15.82 10.46 -14.37
C ASN B 44 16.62 9.17 -14.56
N LEU B 45 17.70 9.24 -15.35
CA LEU B 45 18.58 8.11 -15.60
C LEU B 45 19.58 8.09 -14.45
N ALA B 46 20.46 7.13 -14.39
CA ALA B 46 21.43 7.19 -13.30
C ALA B 46 22.78 6.90 -13.85
N PRO B 47 23.57 7.94 -13.96
CA PRO B 47 23.22 9.26 -13.53
C PRO B 47 22.27 9.99 -14.46
N PRO B 48 21.66 11.00 -13.90
CA PRO B 48 20.70 11.78 -14.64
C PRO B 48 21.29 12.63 -15.77
N VAL B 49 20.41 12.99 -16.69
CA VAL B 49 20.70 13.80 -17.86
C VAL B 49 20.55 15.27 -17.50
N THR B 50 21.72 15.93 -17.26
CA THR B 50 21.78 17.34 -16.85
C THR B 50 22.55 18.25 -17.82
N THR B 51 23.10 17.62 -18.88
CA THR B 51 23.87 18.29 -19.93
C THR B 51 23.41 17.88 -21.33
N VAL B 52 23.44 18.90 -22.24
CA VAL B 52 23.06 18.75 -23.66
C VAL B 52 23.76 17.55 -24.24
N GLU B 53 25.02 17.51 -23.97
CA GLU B 53 25.82 16.44 -24.44
C GLU B 53 25.22 15.08 -24.08
N ALA B 54 24.80 14.95 -22.82
CA ALA B 54 24.21 13.70 -22.33
C ALA B 54 22.87 13.45 -22.98
N ALA B 55 22.13 14.55 -23.09
CA ALA B 55 20.83 14.52 -23.69
C ALA B 55 20.98 14.09 -25.18
N VAL B 56 22.04 14.56 -25.81
CA VAL B 56 22.28 14.19 -27.19
C VAL B 56 22.53 12.70 -27.39
N ALA B 57 23.42 12.15 -26.58
CA ALA B 57 23.78 10.72 -26.63
C ALA B 57 22.60 9.79 -26.33
N TYR B 58 21.86 10.21 -25.33
CA TYR B 58 20.72 9.47 -24.89
C TYR B 58 19.72 9.43 -26.01
N ARG B 59 19.58 10.57 -26.63
CA ARG B 59 18.67 10.67 -27.72
C ARG B 59 19.07 9.74 -28.82
N GLN B 60 20.37 9.55 -28.94
CA GLN B 60 20.88 8.67 -29.97
C GLN B 60 20.64 7.20 -29.67
N ARG B 61 20.88 6.84 -28.42
CA ARG B 61 20.65 5.47 -28.00
C ARG B 61 19.18 5.11 -28.25
N ILE B 62 18.34 6.12 -28.07
CA ILE B 62 16.92 5.94 -28.28
C ILE B 62 16.59 5.66 -29.76
N LEU B 63 17.16 6.46 -30.64
CA LEU B 63 16.89 6.25 -32.05
C LEU B 63 17.37 4.89 -32.49
N ASP B 64 18.52 4.52 -31.98
CA ASP B 64 19.08 3.23 -32.31
C ASP B 64 18.14 2.06 -32.11
N ALA B 65 17.28 2.19 -31.10
CA ALA B 65 16.35 1.16 -30.73
C ALA B 65 14.99 1.27 -31.36
N VAL B 66 14.76 2.35 -32.09
CA VAL B 66 13.48 2.51 -32.73
C VAL B 66 13.37 1.66 -33.98
N PRO B 67 12.38 0.76 -34.04
CA PRO B 67 12.25 -0.07 -35.20
C PRO B 67 12.16 0.74 -36.48
N ALA B 68 12.72 0.13 -37.50
CA ALA B 68 12.80 0.70 -38.81
C ALA B 68 11.58 1.46 -39.30
N PRO B 69 10.44 0.83 -39.20
CA PRO B 69 9.20 1.43 -39.70
C PRO B 69 8.57 2.65 -39.02
N HIS B 70 8.68 2.71 -37.70
CA HIS B 70 8.09 3.76 -36.87
C HIS B 70 8.68 5.13 -37.04
N ASP B 71 7.77 6.11 -37.13
CA ASP B 71 8.16 7.49 -37.24
C ASP B 71 8.00 8.12 -35.86
N PHE B 72 8.90 7.72 -34.96
CA PHE B 72 8.83 8.20 -33.58
C PHE B 72 9.88 9.25 -33.23
N THR B 73 9.47 10.34 -32.59
CA THR B 73 10.48 11.32 -32.22
C THR B 73 10.50 11.59 -30.71
N PRO B 74 11.65 11.28 -30.08
CA PRO B 74 11.80 11.53 -28.66
C PRO B 74 12.14 12.98 -28.37
N LEU B 75 11.34 13.56 -27.50
CA LEU B 75 11.56 14.91 -27.08
C LEU B 75 12.26 14.76 -25.72
N MET B 76 13.54 15.11 -25.66
CA MET B 76 14.37 15.01 -24.46
C MET B 76 14.09 16.10 -23.46
N THR B 77 14.43 15.82 -22.19
CA THR B 77 14.24 16.81 -21.13
C THR B 77 15.49 16.94 -20.33
N CYS B 78 15.59 18.04 -19.60
CA CYS B 78 16.74 18.27 -18.74
C CYS B 78 16.40 17.99 -17.25
N TYR B 79 17.29 17.28 -16.55
CA TYR B 79 17.07 17.03 -15.12
C TYR B 79 17.57 18.23 -14.32
N LEU B 80 16.65 19.06 -13.80
CA LEU B 80 17.04 20.22 -13.02
C LEU B 80 17.71 19.79 -11.72
N THR B 81 18.78 20.49 -11.36
CA THR B 81 19.55 20.28 -10.14
C THR B 81 19.85 21.66 -9.60
N ASP B 82 20.06 21.75 -8.30
CA ASP B 82 20.36 23.01 -7.61
C ASP B 82 21.40 23.89 -8.31
N SER B 83 22.50 23.25 -8.69
CA SER B 83 23.66 23.83 -9.33
C SER B 83 23.57 24.04 -10.85
N LEU B 84 22.59 23.42 -11.50
CA LEU B 84 22.49 23.55 -12.96
C LEU B 84 22.70 24.96 -13.54
N ASP B 85 23.65 25.07 -14.48
CA ASP B 85 24.01 26.30 -15.20
C ASP B 85 22.94 26.59 -16.22
N PRO B 86 22.25 27.65 -15.95
CA PRO B 86 21.19 28.12 -16.79
C PRO B 86 21.61 28.26 -18.23
N ASN B 87 22.88 28.32 -18.46
CA ASN B 87 23.34 28.46 -19.81
C ASN B 87 23.45 27.09 -20.44
N GLU B 88 23.39 26.06 -19.60
CA GLU B 88 23.46 24.67 -20.00
C GLU B 88 22.10 24.38 -20.60
N LEU B 89 21.18 25.02 -20.00
CA LEU B 89 19.83 24.89 -20.43
C LEU B 89 19.56 25.57 -21.75
N GLU B 90 19.80 26.89 -21.84
CA GLU B 90 19.56 27.62 -23.08
C GLU B 90 20.12 26.87 -24.23
N ARG B 91 21.42 26.68 -24.14
CA ARG B 91 22.10 25.95 -25.20
C ARG B 91 21.27 24.78 -25.76
N GLY B 92 21.19 23.72 -24.95
CA GLY B 92 20.47 22.51 -25.32
C GLY B 92 19.06 22.82 -25.81
N PHE B 93 18.54 23.92 -25.31
CA PHE B 93 17.25 24.37 -25.69
C PHE B 93 17.38 25.03 -27.06
N ASN B 94 18.43 25.84 -27.18
CA ASN B 94 18.63 26.52 -28.42
C ASN B 94 18.95 25.59 -29.54
N GLU B 95 19.71 24.56 -29.23
CA GLU B 95 20.08 23.59 -30.25
C GLU B 95 18.97 22.58 -30.56
N GLY B 96 17.84 22.73 -29.90
CA GLY B 96 16.75 21.79 -30.09
C GLY B 96 17.03 20.44 -29.41
N VAL B 97 17.80 20.46 -28.31
CA VAL B 97 18.13 19.27 -27.56
C VAL B 97 17.06 19.05 -26.51
N PHE B 98 16.83 20.12 -25.75
CA PHE B 98 15.86 20.10 -24.68
C PHE B 98 14.56 20.78 -25.03
N THR B 99 13.46 20.04 -24.82
CA THR B 99 12.12 20.51 -25.09
C THR B 99 11.53 21.06 -23.82
N ALA B 100 12.07 20.54 -22.71
CA ALA B 100 11.63 20.94 -21.38
C ALA B 100 12.61 20.47 -20.32
N ALA B 101 12.33 20.98 -19.13
CA ALA B 101 13.11 20.67 -17.96
C ALA B 101 12.15 20.19 -16.87
N KCX B 102 12.59 19.12 -16.19
CA KCX B 102 11.80 18.47 -15.17
CB KCX B 102 11.85 16.97 -15.47
CG KCX B 102 11.17 16.07 -14.44
CD KCX B 102 9.67 16.25 -14.46
CE KCX B 102 8.96 15.04 -13.83
NZ KCX B 102 9.70 13.83 -14.17
C KCX B 102 12.31 18.73 -13.78
O KCX B 102 13.50 18.54 -13.50
CX KCX B 102 8.88 12.72 -13.68
OQ1 KCX B 102 7.94 12.90 -12.94
OQ2 KCX B 102 9.33 11.54 -14.05
N LEU B 103 11.39 19.14 -12.93
CA LEU B 103 11.66 19.43 -11.52
C LEU B 103 11.27 18.24 -10.67
N TYR B 104 12.26 17.55 -10.11
CA TYR B 104 12.01 16.40 -9.22
C TYR B 104 12.29 16.91 -7.82
N PRO B 105 11.35 16.82 -6.84
CA PRO B 105 11.67 17.30 -5.49
C PRO B 105 12.74 16.39 -4.94
N ALA B 106 13.70 16.97 -4.22
CA ALA B 106 14.79 16.22 -3.64
C ALA B 106 14.32 15.06 -2.74
N ASN B 107 14.77 13.82 -3.04
CA ASN B 107 14.36 12.68 -2.24
C ASN B 107 15.50 11.90 -1.67
N ALA B 108 16.52 11.58 -2.46
CA ALA B 108 17.61 10.78 -1.90
C ALA B 108 19.02 11.14 -2.42
N SER B 113 17.12 12.14 -5.71
CA SER B 113 18.47 12.17 -5.17
C SER B 113 19.09 13.50 -5.43
N HIS B 114 19.12 13.80 -6.71
CA HIS B 114 19.69 15.02 -7.21
C HIS B 114 18.65 16.06 -7.51
N GLY B 115 17.38 15.73 -7.20
CA GLY B 115 16.30 16.65 -7.43
C GLY B 115 16.62 18.04 -6.86
N VAL B 116 15.60 18.87 -6.83
CA VAL B 116 15.72 20.22 -6.35
C VAL B 116 15.53 20.39 -4.85
N THR B 117 16.58 20.95 -4.20
CA THR B 117 16.58 21.24 -2.76
C THR B 117 15.46 22.18 -2.48
N SER B 118 15.46 23.25 -3.27
CA SER B 118 14.49 24.33 -3.20
C SER B 118 14.39 25.11 -4.51
N VAL B 119 13.31 25.89 -4.59
CA VAL B 119 13.04 26.74 -5.72
C VAL B 119 14.10 27.84 -5.73
N ASP B 120 14.33 28.41 -4.54
CA ASP B 120 15.32 29.47 -4.43
C ASP B 120 16.67 29.01 -4.93
N ALA B 121 17.07 27.80 -4.54
CA ALA B 121 18.36 27.33 -5.01
C ALA B 121 18.51 27.40 -6.54
N ILE B 122 17.35 27.27 -7.25
CA ILE B 122 17.28 27.26 -8.73
C ILE B 122 16.57 28.47 -9.40
N MET B 123 16.26 29.45 -8.61
CA MET B 123 15.60 30.65 -9.07
C MET B 123 16.05 31.15 -10.42
N PRO B 124 17.38 31.25 -10.57
CA PRO B 124 17.98 31.73 -11.80
C PRO B 124 17.55 30.88 -12.96
N VAL B 125 17.79 29.56 -12.85
CA VAL B 125 17.43 28.62 -13.90
C VAL B 125 16.01 28.86 -14.35
N LEU B 126 15.11 28.90 -13.38
CA LEU B 126 13.73 29.09 -13.62
C LEU B 126 13.43 30.38 -14.34
N GLU B 127 14.27 31.37 -14.10
CA GLU B 127 14.02 32.64 -14.76
C GLU B 127 14.36 32.57 -16.24
N ARG B 128 15.44 31.87 -16.51
CA ARG B 128 15.91 31.68 -17.86
C ARG B 128 14.90 30.92 -18.70
N MET B 129 14.22 29.97 -18.03
CA MET B 129 13.19 29.14 -18.65
C MET B 129 11.98 29.98 -18.94
N GLU B 130 11.65 30.86 -17.98
CA GLU B 130 10.52 31.73 -18.15
C GLU B 130 10.80 32.60 -19.39
N LYS B 131 12.03 33.14 -19.43
CA LYS B 131 12.46 33.99 -20.52
C LYS B 131 12.39 33.34 -21.90
N ILE B 132 13.15 32.29 -22.05
CA ILE B 132 13.18 31.60 -23.30
C ILE B 132 11.90 30.89 -23.69
N GLY B 133 10.90 30.83 -22.78
CA GLY B 133 9.60 30.19 -23.02
C GLY B 133 9.64 28.64 -22.90
N MET B 134 10.62 28.13 -22.17
CA MET B 134 10.79 26.69 -21.96
C MET B 134 9.83 26.21 -20.86
N PRO B 135 8.97 25.23 -21.16
CA PRO B 135 8.03 24.75 -20.17
C PRO B 135 8.77 24.00 -19.04
N LEU B 136 8.20 24.06 -17.84
CA LEU B 136 8.73 23.40 -16.65
C LEU B 136 7.81 22.23 -16.31
N LEU B 137 8.40 21.03 -16.24
CA LEU B 137 7.61 19.84 -15.90
C LEU B 137 7.88 19.53 -14.41
N VAL B 138 6.78 19.50 -13.66
CA VAL B 138 6.86 19.31 -12.24
C VAL B 138 6.26 18.06 -11.64
N HIS B 139 7.08 17.37 -10.84
CA HIS B 139 6.58 16.23 -10.08
C HIS B 139 6.11 16.94 -8.78
N GLY B 140 4.84 17.29 -8.67
CA GLY B 140 4.36 18.04 -7.54
C GLY B 140 4.10 17.33 -6.22
N GLU B 141 5.17 17.04 -5.52
CA GLU B 141 5.09 16.39 -4.23
C GLU B 141 6.12 16.91 -3.24
N VAL B 142 5.67 17.19 -1.99
CA VAL B 142 6.58 17.61 -0.92
C VAL B 142 7.24 16.34 -0.39
N THR B 143 8.34 16.46 0.29
CA THR B 143 8.94 15.21 0.73
C THR B 143 9.24 15.18 2.21
N HIS B 144 8.70 16.10 2.97
CA HIS B 144 9.02 16.01 4.38
C HIS B 144 8.60 14.66 4.97
N ALA B 145 9.58 13.96 5.59
CA ALA B 145 9.41 12.65 6.21
C ALA B 145 8.17 12.59 7.05
N ASP B 146 7.86 13.64 7.78
CA ASP B 146 6.65 13.56 8.52
C ASP B 146 5.36 13.90 7.83
N ILE B 147 5.44 14.07 6.51
CA ILE B 147 4.22 14.36 5.79
C ILE B 147 3.64 13.06 5.32
N ASP B 148 2.37 12.82 5.65
CA ASP B 148 1.72 11.59 5.21
C ASP B 148 1.78 11.52 3.67
N ILE B 149 2.20 10.37 3.19
CA ILE B 149 2.33 10.16 1.75
C ILE B 149 1.10 10.54 0.94
N PHE B 150 -0.11 10.27 1.45
CA PHE B 150 -1.32 10.61 0.67
C PHE B 150 -1.58 12.11 0.60
N ASP B 151 -0.81 12.86 1.39
CA ASP B 151 -0.97 14.28 1.43
C ASP B 151 0.11 15.05 0.69
N ARG B 152 1.11 14.38 0.19
CA ARG B 152 2.20 15.10 -0.44
C ARG B 152 1.89 16.02 -1.63
N GLU B 153 0.89 15.62 -2.41
CA GLU B 153 0.50 16.40 -3.58
C GLU B 153 -0.18 17.69 -3.24
N ALA B 154 -1.29 17.59 -2.49
CA ALA B 154 -2.04 18.76 -2.11
C ALA B 154 -1.12 19.78 -1.49
N ARG B 155 -0.26 19.30 -0.62
CA ARG B 155 0.70 20.10 0.12
C ARG B 155 1.62 20.88 -0.78
N PHE B 156 1.99 20.22 -1.86
CA PHE B 156 2.87 20.83 -2.81
C PHE B 156 2.21 22.05 -3.43
N ILE B 157 0.92 21.95 -3.63
CA ILE B 157 0.23 23.07 -4.26
C ILE B 157 0.46 24.39 -3.55
N GLU B 158 0.01 24.43 -2.31
CA GLU B 158 0.11 25.60 -1.48
C GLU B 158 1.53 25.98 -1.13
N SER B 159 2.35 25.04 -0.79
CA SER B 159 3.69 25.42 -0.39
C SER B 159 4.66 25.66 -1.51
N VAL B 160 4.34 25.16 -2.69
CA VAL B 160 5.29 25.34 -3.76
C VAL B 160 4.76 25.79 -5.11
N MET B 161 3.80 25.06 -5.64
CA MET B 161 3.25 25.37 -6.95
C MET B 161 2.89 26.85 -7.11
N GLU B 162 1.83 27.23 -6.40
CA GLU B 162 1.30 28.58 -6.40
C GLU B 162 2.39 29.63 -6.19
N PRO B 163 3.03 29.57 -5.06
CA PRO B 163 4.07 30.53 -4.82
C PRO B 163 4.94 30.64 -6.04
N LEU B 164 5.35 29.48 -6.56
CA LEU B 164 6.20 29.41 -7.74
C LEU B 164 5.56 30.20 -8.86
N ARG B 165 4.36 29.81 -9.17
CA ARG B 165 3.68 30.47 -10.23
C ARG B 165 3.52 31.97 -10.02
N GLN B 166 3.17 32.36 -8.79
CA GLN B 166 2.99 33.76 -8.45
C GLN B 166 4.26 34.56 -8.69
N ARG B 167 5.40 33.90 -8.59
CA ARG B 167 6.66 34.59 -8.78
C ARG B 167 7.25 34.55 -10.19
N LEU B 168 6.80 33.61 -11.01
CA LEU B 168 7.27 33.47 -12.37
C LEU B 168 6.05 33.32 -13.21
N THR B 169 5.43 34.50 -13.30
CA THR B 169 4.20 34.84 -13.99
C THR B 169 4.02 34.31 -15.40
N ALA B 170 5.11 34.24 -16.16
CA ALA B 170 5.02 33.79 -17.52
C ALA B 170 5.63 32.41 -17.69
N LEU B 171 5.83 31.79 -16.55
CA LEU B 171 6.37 30.46 -16.54
C LEU B 171 5.33 29.46 -17.04
N LYS B 172 5.70 28.64 -17.99
CA LYS B 172 4.74 27.64 -18.47
C LYS B 172 5.03 26.35 -17.67
N VAL B 173 3.98 25.87 -17.04
CA VAL B 173 4.13 24.71 -16.19
C VAL B 173 3.20 23.55 -16.44
N VAL B 174 3.80 22.36 -16.51
CA VAL B 174 2.98 21.15 -16.65
C VAL B 174 3.03 20.43 -15.28
N PHE B 175 1.87 20.28 -14.68
CA PHE B 175 1.76 19.59 -13.40
C PHE B 175 1.61 18.10 -13.78
N GLU B 176 2.75 17.41 -13.80
CA GLU B 176 2.77 16.00 -14.19
C GLU B 176 1.89 15.07 -13.34
N HIS B 177 1.43 14.01 -13.99
CA HIS B 177 0.61 12.94 -13.40
C HIS B 177 -0.15 13.35 -12.16
N ILE B 178 -1.16 14.19 -12.33
CA ILE B 178 -1.92 14.61 -11.17
C ILE B 178 -2.72 13.44 -10.64
N THR B 179 -2.92 13.37 -9.33
CA THR B 179 -3.66 12.24 -8.75
C THR B 179 -4.77 12.64 -7.77
N THR B 180 -4.93 13.95 -7.49
CA THR B 180 -5.93 14.40 -6.52
C THR B 180 -6.93 15.40 -7.02
N LYS B 181 -8.05 15.47 -6.30
CA LYS B 181 -9.13 16.42 -6.58
C LYS B 181 -8.52 17.80 -6.41
N ASP B 182 -7.71 17.95 -5.39
CA ASP B 182 -7.02 19.21 -5.16
C ASP B 182 -6.39 19.68 -6.47
N ALA B 183 -5.44 18.88 -6.99
CA ALA B 183 -4.76 19.19 -8.23
C ALA B 183 -5.69 19.36 -9.42
N ALA B 184 -6.75 18.56 -9.50
CA ALA B 184 -7.69 18.63 -10.59
C ALA B 184 -8.26 20.03 -10.71
N ASP B 185 -8.80 20.49 -9.58
CA ASP B 185 -9.41 21.81 -9.41
C ASP B 185 -8.43 22.94 -9.64
N TYR B 186 -7.21 22.82 -9.10
CA TYR B 186 -6.22 23.87 -9.26
C TYR B 186 -5.90 24.11 -10.72
N VAL B 187 -5.73 22.99 -11.43
CA VAL B 187 -5.40 23.07 -12.86
C VAL B 187 -6.58 23.62 -13.61
N ARG B 188 -7.73 23.07 -13.32
CA ARG B 188 -8.92 23.51 -13.96
C ARG B 188 -9.16 25.01 -13.84
N ASP B 189 -8.64 25.62 -12.77
CA ASP B 189 -8.89 27.02 -12.57
C ASP B 189 -7.69 27.85 -12.76
N GLY B 190 -6.66 27.23 -13.29
CA GLY B 190 -5.38 27.88 -13.55
C GLY B 190 -5.47 28.75 -14.82
N ASN B 191 -4.32 29.30 -15.23
CA ASN B 191 -4.27 30.15 -16.40
C ASN B 191 -3.83 29.36 -17.62
N GLU B 192 -3.90 29.99 -18.78
CA GLU B 192 -3.49 29.26 -19.95
C GLU B 192 -2.04 28.85 -19.90
N ARG B 193 -1.32 29.19 -18.83
CA ARG B 193 0.08 28.78 -18.77
C ARG B 193 0.28 27.57 -17.86
N LEU B 194 -0.79 26.93 -17.47
CA LEU B 194 -0.66 25.78 -16.59
C LEU B 194 -1.41 24.61 -17.16
N ALA B 195 -0.74 23.48 -17.24
CA ALA B 195 -1.37 22.29 -17.75
C ALA B 195 -1.03 21.09 -16.86
N ALA B 196 -1.67 19.95 -17.19
CA ALA B 196 -1.42 18.70 -16.46
C ALA B 196 -1.51 17.44 -17.31
N THR B 197 -0.80 16.39 -16.84
CA THR B 197 -0.85 15.08 -17.46
C THR B 197 -1.57 14.16 -16.47
N ILE B 198 -2.14 13.05 -16.98
CA ILE B 198 -2.86 12.06 -16.20
C ILE B 198 -2.59 10.73 -16.80
N THR B 199 -2.18 9.78 -15.96
CA THR B 199 -1.87 8.42 -16.35
C THR B 199 -3.13 7.61 -16.47
N PRO B 200 -3.03 6.46 -17.12
CA PRO B 200 -4.20 5.62 -17.21
C PRO B 200 -4.51 5.02 -15.82
N GLN B 201 -3.45 4.70 -15.06
CA GLN B 201 -3.71 4.09 -13.73
C GLN B 201 -4.53 4.95 -12.79
N HIS B 202 -4.19 6.24 -12.77
CA HIS B 202 -4.90 7.15 -11.86
C HIS B 202 -6.31 7.43 -12.27
N LEU B 203 -6.65 7.08 -13.49
CA LEU B 203 -8.00 7.29 -13.93
C LEU B 203 -8.78 5.98 -13.74
N MET B 204 -8.07 4.87 -13.90
CA MET B 204 -8.69 3.57 -13.83
C MET B 204 -8.87 2.95 -12.44
N PHE B 205 -7.95 3.25 -11.53
CA PHE B 205 -8.01 2.69 -10.18
C PHE B 205 -7.86 3.73 -9.10
N ASN B 206 -7.97 3.23 -7.87
CA ASN B 206 -7.81 4.01 -6.66
C ASN B 206 -7.05 3.15 -5.70
N ARG B 207 -6.62 3.72 -4.59
CA ARG B 207 -5.82 2.96 -3.64
C ARG B 207 -6.38 1.62 -3.24
N ASN B 208 -7.72 1.51 -3.25
CA ASN B 208 -8.31 0.25 -2.88
C ASN B 208 -7.84 -0.85 -3.82
N HIS B 209 -7.75 -0.53 -5.12
CA HIS B 209 -7.30 -1.54 -6.07
C HIS B 209 -5.91 -2.05 -5.77
N MET B 210 -5.11 -1.23 -5.12
CA MET B 210 -3.77 -1.65 -4.83
C MET B 210 -3.60 -2.38 -3.48
N LEU B 211 -4.56 -2.22 -2.54
CA LEU B 211 -4.38 -2.80 -1.21
C LEU B 211 -5.45 -3.76 -0.70
N VAL B 212 -6.55 -3.82 -1.40
CA VAL B 212 -7.60 -4.70 -0.97
C VAL B 212 -7.36 -6.05 -1.58
N GLY B 213 -7.42 -7.08 -0.76
CA GLY B 213 -7.26 -8.46 -1.21
C GLY B 213 -5.82 -8.89 -1.41
N GLY B 214 -4.91 -7.99 -1.15
CA GLY B 214 -3.51 -8.29 -1.31
C GLY B 214 -2.80 -7.03 -1.71
N VAL B 215 -1.51 -6.98 -1.53
CA VAL B 215 -0.78 -5.80 -1.93
C VAL B 215 -0.28 -6.04 -3.35
N ARG B 216 -0.66 -5.14 -4.26
CA ARG B 216 -0.30 -5.25 -5.67
C ARG B 216 0.80 -4.26 -6.10
N PRO B 217 2.03 -4.71 -6.06
CA PRO B 217 3.15 -3.85 -6.42
C PRO B 217 3.06 -3.28 -7.83
N HIS B 218 2.42 -4.00 -8.75
CA HIS B 218 2.29 -3.52 -10.11
C HIS B 218 1.44 -2.25 -10.19
N LEU B 219 0.65 -1.99 -9.13
CA LEU B 219 -0.16 -0.78 -9.11
C LEU B 219 0.51 0.29 -8.27
N TYR B 220 1.68 -0.06 -7.71
CA TYR B 220 2.39 0.89 -6.89
C TYR B 220 3.25 1.82 -7.76
N CYS B 221 2.98 3.10 -7.65
CA CYS B 221 3.67 4.15 -8.38
C CYS B 221 3.51 5.46 -7.62
N LEU B 222 4.19 6.49 -8.13
CA LEU B 222 4.15 7.83 -7.55
C LEU B 222 3.64 8.80 -8.61
N PRO B 223 2.89 9.80 -8.18
CA PRO B 223 2.48 9.92 -6.80
C PRO B 223 1.50 8.75 -6.51
N ILE B 224 1.39 8.38 -5.23
CA ILE B 224 0.53 7.29 -4.83
C ILE B 224 -0.96 7.32 -5.25
N LEU B 225 -1.49 6.15 -5.60
CA LEU B 225 -2.90 6.08 -5.90
C LEU B 225 -3.59 6.60 -4.66
N LYS B 226 -4.62 7.38 -4.88
CA LYS B 226 -5.40 7.99 -3.85
C LYS B 226 -6.77 7.35 -3.72
N ARG B 227 -7.54 7.96 -2.87
CA ARG B 227 -8.90 7.63 -2.55
C ARG B 227 -9.81 7.84 -3.78
N ASN B 228 -10.79 6.99 -3.88
CA ASN B 228 -11.72 7.03 -4.98
C ASN B 228 -12.25 8.41 -5.31
N ILE B 229 -12.33 9.25 -4.27
CA ILE B 229 -12.85 10.60 -4.41
C ILE B 229 -12.01 11.37 -5.42
N HIS B 230 -10.73 11.11 -5.31
CA HIS B 230 -9.72 11.71 -6.12
C HIS B 230 -9.76 11.20 -7.53
N GLN B 231 -9.94 9.87 -7.65
CA GLN B 231 -10.03 9.24 -8.95
C GLN B 231 -11.24 9.74 -9.70
N GLN B 232 -12.28 10.05 -8.93
CA GLN B 232 -13.52 10.53 -9.52
C GLN B 232 -13.35 11.94 -10.11
N ALA B 233 -12.57 12.75 -9.43
CA ALA B 233 -12.24 14.11 -9.84
C ALA B 233 -11.44 14.11 -11.14
N LEU B 234 -10.53 13.16 -11.24
CA LEU B 234 -9.70 13.04 -12.40
C LEU B 234 -10.52 12.65 -13.61
N ARG B 235 -11.31 11.61 -13.45
CA ARG B 235 -12.13 11.18 -14.56
C ARG B 235 -13.05 12.30 -14.99
N GLU B 236 -13.54 13.05 -14.04
CA GLU B 236 -14.44 14.14 -14.39
C GLU B 236 -13.74 15.16 -15.23
N LEU B 237 -12.54 15.53 -14.76
CA LEU B 237 -11.67 16.49 -15.42
C LEU B 237 -11.47 16.16 -16.92
N VAL B 238 -11.04 14.94 -17.18
CA VAL B 238 -10.82 14.56 -18.55
C VAL B 238 -12.12 14.56 -19.37
N ALA B 239 -13.13 13.90 -18.83
CA ALA B 239 -14.39 13.80 -19.50
C ALA B 239 -15.03 15.15 -19.82
N SER B 240 -14.59 16.20 -19.14
CA SER B 240 -15.11 17.55 -19.31
C SER B 240 -14.67 18.23 -20.59
N GLY B 241 -13.61 17.80 -21.20
CA GLY B 241 -13.27 18.55 -22.36
C GLY B 241 -12.19 19.57 -22.04
N PHE B 242 -11.96 19.81 -20.74
CA PHE B 242 -10.91 20.75 -20.35
C PHE B 242 -9.74 20.57 -21.32
N GLN B 243 -9.39 21.62 -21.98
CA GLN B 243 -8.37 21.56 -22.97
C GLN B 243 -7.00 21.67 -22.47
N ARG B 244 -6.87 21.80 -21.16
CA ARG B 244 -5.53 21.94 -20.58
C ARG B 244 -5.04 20.72 -19.80
N VAL B 245 -5.46 19.54 -20.26
CA VAL B 245 -5.08 18.25 -19.70
C VAL B 245 -4.83 17.29 -20.87
N PHE B 246 -3.75 16.51 -20.78
CA PHE B 246 -3.43 15.61 -21.86
C PHE B 246 -2.68 14.38 -21.46
N LEU B 247 -2.58 13.43 -22.39
CA LEU B 247 -1.95 12.11 -22.23
C LEU B 247 -0.46 12.11 -21.88
N GLY B 248 -0.16 11.50 -20.73
CA GLY B 248 1.22 11.36 -20.29
C GLY B 248 1.16 10.03 -19.57
N THR B 249 1.65 8.96 -20.15
CA THR B 249 1.51 7.68 -19.49
C THR B 249 2.24 7.52 -18.17
N ASP B 250 3.38 8.11 -18.08
CA ASP B 250 4.22 7.89 -16.93
C ASP B 250 4.64 6.42 -16.96
N SER B 251 4.63 5.78 -18.16
CA SER B 251 5.10 4.40 -18.24
C SER B 251 6.48 4.40 -17.58
N ALA B 252 6.71 3.53 -16.55
CA ALA B 252 7.93 3.49 -15.75
C ALA B 252 8.26 2.07 -15.35
N PRO B 253 8.84 1.39 -16.32
CA PRO B 253 9.22 0.00 -16.26
C PRO B 253 10.28 -0.35 -15.27
N HIS B 254 10.06 -1.48 -14.60
CA HIS B 254 10.97 -2.09 -13.62
C HIS B 254 10.89 -3.59 -13.80
N ALA B 255 12.03 -4.25 -13.73
CA ALA B 255 12.02 -5.70 -13.85
C ALA B 255 11.17 -6.31 -12.71
N ARG B 256 10.56 -7.41 -13.01
CA ARG B 256 9.67 -8.13 -12.12
C ARG B 256 10.11 -8.24 -10.67
N HIS B 257 11.34 -8.66 -10.50
CA HIS B 257 11.88 -8.85 -9.16
C HIS B 257 12.26 -7.59 -8.43
N ARG B 258 12.20 -6.47 -9.14
CA ARG B 258 12.54 -5.23 -8.49
C ARG B 258 11.23 -4.68 -8.00
N LYS B 259 10.14 -5.16 -8.62
CA LYS B 259 8.80 -4.77 -8.27
C LYS B 259 8.24 -5.65 -7.17
N GLU B 260 8.49 -6.96 -7.34
CA GLU B 260 8.03 -7.97 -6.43
C GLU B 260 9.10 -8.34 -5.46
N SER B 261 9.39 -7.46 -4.51
CA SER B 261 10.45 -7.76 -3.57
C SER B 261 10.13 -7.21 -2.19
N SER B 262 11.11 -7.23 -1.31
CA SER B 262 10.85 -6.67 0.02
C SER B 262 10.68 -5.14 0.03
N CYS B 263 11.04 -4.49 -1.05
CA CYS B 263 10.92 -3.07 -1.18
C CYS B 263 10.77 -2.76 -2.63
N GLY B 264 9.54 -2.92 -3.10
CA GLY B 264 9.19 -2.73 -4.49
C GLY B 264 9.32 -1.31 -5.03
N CYS B 265 9.83 -1.22 -6.27
CA CYS B 265 10.01 0.06 -6.97
C CYS B 265 8.71 0.62 -7.43
N ALA B 266 8.63 1.95 -7.48
CA ALA B 266 7.42 2.62 -7.95
C ALA B 266 7.41 2.76 -9.47
N GLY B 267 6.29 2.48 -10.08
CA GLY B 267 6.19 2.64 -11.50
C GLY B 267 5.43 1.52 -12.16
N CYS B 268 4.52 1.92 -13.06
CA CYS B 268 3.70 1.01 -13.85
C CYS B 268 4.18 1.02 -15.30
N PHE B 269 4.45 -0.18 -15.85
CA PHE B 269 4.88 -0.27 -17.23
C PHE B 269 3.61 -0.33 -18.08
N ASN B 270 3.04 0.85 -18.35
CA ASN B 270 1.76 0.89 -19.05
C ASN B 270 1.81 1.22 -20.53
N ALA B 271 3.02 1.37 -21.06
CA ALA B 271 3.12 1.70 -22.49
C ALA B 271 2.28 0.82 -23.47
N PRO B 272 2.24 -0.48 -23.22
CA PRO B 272 1.50 -1.39 -24.10
C PRO B 272 -0.01 -1.28 -24.07
N THR B 273 -0.55 -0.90 -22.91
CA THR B 273 -1.98 -0.83 -22.73
C THR B 273 -2.57 0.54 -22.46
N ALA B 274 -1.73 1.55 -22.35
CA ALA B 274 -2.29 2.88 -22.05
C ALA B 274 -3.42 3.41 -22.95
N LEU B 275 -3.12 3.54 -24.24
CA LEU B 275 -4.07 4.07 -25.17
C LEU B 275 -5.44 3.50 -25.11
N GLY B 276 -5.53 2.16 -25.13
CA GLY B 276 -6.82 1.45 -25.04
C GLY B 276 -7.49 1.66 -23.68
N SER B 277 -6.66 1.75 -22.62
CA SER B 277 -7.14 2.00 -21.27
C SER B 277 -7.74 3.39 -21.22
N TYR B 278 -7.08 4.30 -21.88
CA TYR B 278 -7.63 5.63 -21.89
C TYR B 278 -8.95 5.64 -22.63
N ALA B 279 -8.99 4.89 -23.73
CA ALA B 279 -10.21 4.79 -24.57
C ALA B 279 -11.42 4.33 -23.74
N THR B 280 -11.18 3.28 -22.96
CA THR B 280 -12.18 2.71 -22.07
C THR B 280 -12.71 3.75 -21.11
N VAL B 281 -11.78 4.44 -20.44
CA VAL B 281 -12.17 5.48 -19.51
C VAL B 281 -13.12 6.47 -20.18
N PHE B 282 -12.65 7.06 -21.28
CA PHE B 282 -13.47 8.02 -22.00
C PHE B 282 -14.84 7.44 -22.35
N GLU B 283 -14.86 6.25 -22.94
CA GLU B 283 -16.10 5.61 -23.28
C GLU B 283 -17.02 5.60 -22.06
N GLU B 284 -16.50 4.95 -21.04
CA GLU B 284 -17.22 4.86 -19.80
C GLU B 284 -17.82 6.18 -19.39
N MET B 285 -16.99 7.22 -19.48
CA MET B 285 -17.43 8.55 -19.08
C MET B 285 -18.35 9.18 -20.10
N ASN B 286 -18.66 8.43 -21.18
CA ASN B 286 -19.49 9.01 -22.18
C ASN B 286 -18.83 10.29 -22.72
N ALA B 287 -17.54 10.16 -23.06
CA ALA B 287 -16.82 11.34 -23.55
C ALA B 287 -15.87 11.13 -24.74
N LEU B 288 -16.11 10.07 -25.54
CA LEU B 288 -15.28 9.76 -26.70
C LEU B 288 -15.02 11.00 -27.59
N GLN B 289 -15.94 11.97 -27.52
CA GLN B 289 -15.80 13.17 -28.30
C GLN B 289 -14.66 14.03 -27.82
N HIS B 290 -14.13 13.76 -26.65
CA HIS B 290 -13.02 14.56 -26.17
C HIS B 290 -11.74 13.78 -26.17
N PHE B 291 -11.87 12.52 -26.53
CA PHE B 291 -10.74 11.60 -26.54
C PHE B 291 -9.56 11.98 -27.40
N GLU B 292 -9.80 12.21 -28.68
CA GLU B 292 -8.71 12.55 -29.58
C GLU B 292 -7.89 13.77 -29.11
N ALA B 293 -8.59 14.79 -28.63
CA ALA B 293 -7.89 15.99 -28.19
C ALA B 293 -6.92 15.69 -27.06
N PHE B 294 -7.41 14.89 -26.12
CA PHE B 294 -6.62 14.52 -24.98
C PHE B 294 -5.36 13.82 -25.42
N CYS B 295 -5.54 12.93 -26.38
CA CYS B 295 -4.43 12.12 -26.86
C CYS B 295 -3.50 12.76 -27.88
N SER B 296 -4.07 13.63 -28.73
CA SER B 296 -3.37 14.21 -29.86
C SER B 296 -3.43 15.72 -30.12
N VAL B 297 -4.20 16.47 -29.38
CA VAL B 297 -4.30 17.89 -29.66
C VAL B 297 -3.83 18.77 -28.51
N ASN B 298 -4.36 18.53 -27.33
CA ASN B 298 -4.01 19.30 -26.18
C ASN B 298 -2.52 19.42 -25.91
N GLY B 299 -1.80 18.33 -25.94
CA GLY B 299 -0.38 18.41 -25.70
C GLY B 299 0.34 19.32 -26.69
N PRO B 300 0.23 19.01 -27.97
CA PRO B 300 0.91 19.81 -28.93
C PRO B 300 0.59 21.28 -28.78
N GLN B 301 -0.65 21.54 -28.47
CA GLN B 301 -1.07 22.91 -28.33
C GLN B 301 -0.38 23.60 -27.17
N PHE B 302 -0.30 22.90 -26.04
CA PHE B 302 0.33 23.51 -24.91
C PHE B 302 1.78 23.73 -25.21
N TYR B 303 2.37 22.73 -25.81
CA TYR B 303 3.77 22.79 -26.14
C TYR B 303 4.05 23.63 -27.39
N GLY B 304 3.01 24.16 -28.04
CA GLY B 304 3.28 24.95 -29.24
C GLY B 304 3.91 24.11 -30.34
N LEU B 305 3.52 22.84 -30.44
CA LEU B 305 4.02 21.94 -31.49
C LEU B 305 2.83 21.57 -32.36
N PRO B 306 3.07 21.25 -33.60
CA PRO B 306 1.97 20.90 -34.49
C PRO B 306 1.45 19.52 -34.16
N VAL B 307 0.20 19.27 -34.52
CA VAL B 307 -0.39 17.97 -34.28
C VAL B 307 0.17 17.01 -35.29
N ASN B 308 0.10 15.72 -34.99
CA ASN B 308 0.57 14.73 -35.91
C ASN B 308 -0.37 14.71 -37.13
N ASP B 309 0.25 14.52 -38.27
CA ASP B 309 -0.45 14.48 -39.55
C ASP B 309 -0.94 13.10 -39.98
N THR B 310 -0.75 12.11 -39.12
CA THR B 310 -1.19 10.77 -39.44
C THR B 310 -2.26 10.30 -38.46
N PHE B 311 -2.85 9.16 -38.80
CA PHE B 311 -3.91 8.60 -38.02
C PHE B 311 -3.68 7.18 -37.61
N ILE B 312 -4.54 6.75 -36.71
CA ILE B 312 -4.55 5.41 -36.17
C ILE B 312 -5.96 5.01 -35.82
N GLU B 313 -6.17 3.70 -35.70
CA GLU B 313 -7.49 3.18 -35.39
C GLU B 313 -7.53 2.29 -34.18
N LEU B 314 -8.59 2.43 -33.37
CA LEU B 314 -8.81 1.61 -32.19
C LEU B 314 -10.08 0.87 -32.47
N VAL B 315 -10.02 -0.43 -32.22
CA VAL B 315 -11.15 -1.31 -32.42
C VAL B 315 -11.62 -1.80 -31.08
N ARG B 316 -12.96 -1.76 -30.87
CA ARG B 316 -13.56 -2.22 -29.64
C ARG B 316 -13.63 -3.72 -29.59
N GLU B 317 -12.48 -4.33 -29.79
CA GLU B 317 -12.36 -5.74 -29.76
C GLU B 317 -11.63 -6.18 -28.53
N GLU B 318 -12.37 -6.83 -27.66
CA GLU B 318 -11.83 -7.31 -26.43
C GLU B 318 -10.55 -8.07 -26.60
N GLN B 319 -9.44 -7.34 -26.54
CA GLN B 319 -8.16 -7.99 -26.66
C GLN B 319 -7.46 -8.22 -25.33
N GLN B 320 -6.67 -9.27 -25.31
CA GLN B 320 -5.93 -9.73 -24.15
C GLN B 320 -4.49 -9.22 -23.92
N VAL B 321 -4.03 -9.19 -22.63
CA VAL B 321 -2.70 -8.72 -22.20
C VAL B 321 -1.70 -9.78 -21.72
N ALA B 322 -0.50 -9.74 -22.29
CA ALA B 322 0.55 -10.68 -21.93
C ALA B 322 0.80 -10.73 -20.43
N GLU B 323 1.09 -11.91 -19.90
CA GLU B 323 1.36 -12.06 -18.50
C GLU B 323 2.68 -11.37 -18.25
N SER B 324 3.54 -11.48 -19.23
CA SER B 324 4.83 -10.86 -19.04
C SER B 324 5.59 -10.69 -20.33
N ILE B 325 6.65 -9.88 -20.26
CA ILE B 325 7.52 -9.54 -21.37
C ILE B 325 8.95 -9.85 -21.02
N ALA B 326 9.59 -10.56 -21.92
CA ALA B 326 10.96 -10.99 -21.74
C ALA B 326 12.02 -9.89 -21.71
N LEU B 327 12.98 -10.06 -20.80
CA LEU B 327 14.07 -9.14 -20.69
C LEU B 327 15.34 -9.94 -20.76
N THR B 328 16.43 -9.28 -21.12
CA THR B 328 17.69 -10.00 -21.17
C THR B 328 17.81 -10.87 -19.90
N ASP B 329 17.34 -10.31 -18.80
CA ASP B 329 17.35 -10.95 -17.50
C ASP B 329 16.09 -10.60 -16.72
N ASP B 330 15.39 -11.61 -16.22
CA ASP B 330 14.15 -11.41 -15.50
C ASP B 330 13.12 -11.11 -16.57
N THR B 331 11.94 -10.70 -16.14
CA THR B 331 10.86 -10.35 -17.03
C THR B 331 10.32 -8.99 -16.67
N LEU B 332 9.42 -8.54 -17.51
CA LEU B 332 8.76 -7.27 -17.32
C LEU B 332 7.27 -7.56 -17.27
N VAL B 333 6.61 -7.14 -16.18
CA VAL B 333 5.19 -7.40 -16.07
C VAL B 333 4.43 -6.17 -16.54
N PRO B 334 3.71 -6.28 -17.63
CA PRO B 334 2.95 -5.15 -18.14
C PRO B 334 1.74 -4.81 -17.28
N PHE B 335 1.29 -3.57 -17.43
CA PHE B 335 0.12 -3.08 -16.74
C PHE B 335 -1.07 -3.87 -17.30
N LEU B 336 -1.94 -4.34 -16.43
CA LEU B 336 -3.09 -5.12 -16.89
C LEU B 336 -2.70 -6.53 -17.32
N ALA B 337 -1.51 -6.94 -16.88
CA ALA B 337 -0.97 -8.23 -17.22
C ALA B 337 -1.99 -9.32 -16.95
N GLY B 338 -2.19 -10.15 -17.99
CA GLY B 338 -3.10 -11.28 -17.96
C GLY B 338 -4.53 -10.86 -18.04
N GLU B 339 -4.79 -9.56 -18.11
CA GLU B 339 -6.14 -9.10 -18.17
C GLU B 339 -6.67 -8.93 -19.56
N THR B 340 -7.96 -8.58 -19.62
CA THR B 340 -8.66 -8.40 -20.87
C THR B 340 -9.13 -6.98 -21.13
N VAL B 341 -8.50 -6.31 -22.12
CA VAL B 341 -8.82 -4.93 -22.48
C VAL B 341 -9.95 -4.83 -23.49
N ARG B 342 -10.76 -3.78 -23.38
CA ARG B 342 -11.86 -3.64 -24.32
C ARG B 342 -11.55 -3.05 -25.67
N TRP B 343 -10.59 -2.12 -25.67
CA TRP B 343 -10.16 -1.44 -26.88
C TRP B 343 -8.78 -1.90 -27.32
N SER B 344 -8.59 -2.10 -28.62
CA SER B 344 -7.29 -2.52 -29.13
C SER B 344 -6.86 -1.69 -30.35
N VAL B 345 -5.55 -1.46 -30.47
CA VAL B 345 -5.02 -0.70 -31.58
C VAL B 345 -4.85 -1.62 -32.75
N LYS B 346 -5.58 -1.33 -33.83
CA LYS B 346 -5.50 -2.13 -35.03
C LYS B 346 -4.57 -1.47 -36.02
ZN ZN C . -5.46 -12.33 13.23
ZN ZN D . -7.74 -9.93 12.22
N1 ORO E . -3.11 -11.69 8.31
C2 ORO E . -3.42 -10.29 8.63
O2 ORO E . -2.73 -9.33 8.31
N3 ORO E . -4.62 -10.13 9.30
C4 ORO E . -5.64 -11.07 9.26
O4 ORO E . -6.77 -10.73 9.60
C5 ORO E . -5.31 -12.35 9.01
C6 ORO E . -3.90 -12.74 9.06
C7 ORO E . -3.62 -14.09 8.43
O71 ORO E . -4.16 -15.12 8.92
O72 ORO E . -2.80 -14.08 7.47
C6 NCD F . 8.39 7.17 5.80
C61 NCD F . 8.53 8.62 5.18
O61 NCD F . 7.89 9.58 5.61
O62 NCD F . 9.37 8.89 4.26
N1 NCD F . 9.13 6.18 5.06
C2 NCD F . 10.50 6.20 4.89
O2 NCD F . 11.08 5.26 4.30
N3 NCD F . 11.24 7.20 5.33
C5 NCD F . 8.81 7.22 7.24
C4 NCD F . 7.75 7.92 8.10
O4 NCD F . 7.69 7.62 9.27
O5 NCD F . 7.06 8.85 7.64
ZN ZN G . 7.59 10.03 -14.49
ZN ZN H . 6.90 11.87 -11.32
C6 NCD I . 8.73 6.79 -11.90
C61 NCD I . 10.01 5.99 -12.26
O61 NCD I . 10.93 6.54 -12.92
O62 NCD I . 10.17 4.80 -11.90
N1 NCD I . 7.95 6.04 -10.93
C2 NCD I . 6.70 6.35 -10.56
O2 NCD I . 6.02 5.57 -9.84
N3 NCD I . 6.12 7.48 -10.93
C5 NCD I . 9.19 8.14 -11.38
C4 NCD I . 8.18 9.26 -11.50
O4 NCD I . 7.27 9.24 -12.39
O5 NCD I . 8.25 10.22 -10.67
#